data_1S32
#
_entry.id   1S32
#
_cell.length_a   105.352
_cell.length_b   109.717
_cell.length_c   181.827
_cell.angle_alpha   90.00
_cell.angle_beta   90.00
_cell.angle_gamma   90.00
#
_symmetry.space_group_name_H-M   'P 21 21 21'
#
loop_
_entity.id
_entity.type
_entity.pdbx_description
1 polymer 'palindromic alpha-satellite 146 bp DNA fragment'
2 polymer 'Histone H3'
3 polymer 'Histone H4'
4 polymer 'Histone H2A'
5 polymer 'Histone H2B'
6 non-polymer 'MANGANESE (II) ION'
7 non-polymer '4-AMINO-(1-METHYLIMIDAZOLE)-2-CARBOXYLIC ACID'
8 non-polymer '4-AMINO-(1-METHYLPYRROLE)-2-CARBOXYLIC ACID'
9 non-polymer 'GAMMA-AMINO-BUTANOIC ACID'
10 non-polymer BETA-ALANINE
11 non-polymer 3-AMINO-(DIMETHYLPROPYLAMINE)
12 non-polymer 2-(2-CARBAMOYLMETHOXY-ETHOXY)-ACETAMIDE
13 non-polymer 'CHLORIDE ION'
14 water water
#
loop_
_entity_poly.entity_id
_entity_poly.type
_entity_poly.pdbx_seq_one_letter_code
_entity_poly.pdbx_strand_id
1 'polydeoxyribonucleotide'
;(DA)(DT)(DC)(DA)(DA)(DT)(DA)(DT)(DC)(DC)(DA)(DC)(DC)(DT)(DG)(DC)(DA)(DG)(DA)(DT)
(DT)(DC)(DT)(DA)(DC)(DC)(DA)(DA)(DA)(DA)(DG)(DT)(DG)(DT)(DA)(DT)(DT)(DT)(DG)(DG)
(DA)(DA)(DA)(DC)(DT)(DG)(DC)(DT)(DC)(DC)(DA)(DT)(DC)(DA)(DA)(DA)(DA)(DG)(DG)(DC)
(DA)(DT)(DG)(DT)(DT)(DC)(DA)(DG)(DC)(DG)(DG)(DA)(DA)(DT)(DT)(DC)(DC)(DG)(DC)(DT)
(DG)(DA)(DA)(DC)(DA)(DT)(DG)(DC)(DC)(DT)(DT)(DT)(DT)(DG)(DA)(DT)(DG)(DG)(DA)(DG)
(DC)(DA)(DG)(DT)(DT)(DT)(DC)(DC)(DA)(DA)(DA)(DT)(DA)(DC)(DA)(DC)(DT)(DT)(DT)(DT)
(DG)(DG)(DT)(DA)(DG)(DA)(DA)(DT)(DC)(DT)(DG)(DC)(DA)(DG)(DG)(DT)(DG)(DG)(DA)(DT)
(DA)(DT)(DT)(DG)(DA)(DT)
;
I,J
2 'polypeptide(L)'
;ARTKQTARKSTGGKAPRKQLATKAARKSAPATGGVKKPHRYRPGTVALREIRRYQKSTELLIRKLPFQRLVREIAQDFKT
DLRFQSSAVMALQEASEAYLVALFEDTNLCAIHAKRVTIMPKDIQLARRIRGERA
;
A,E
3 'polypeptide(L)'
;SGRGKGGKGLGKGGAKRHRKVLRDNIQGITKPAIRRLARRGGVKRISGLIYEETRGVLKVFLENVIRDAVTYTEHAKRKT
VTAMDVVYALKRQGRTLYGFGG
;
B,F
4 'polypeptide(L)'
;SGRGKQGGKTRAKAKTRSSRAGLQFPVGRVHRLLRKGNYAERVGAGAPVYLAAVLEYLTAEILELAGNAARDNKKTRIIP
RHLQLAVRNDEELNKLLGRVTIAQGGVLPNIQSVLLPKK
;
C,G
5 'polypeptide(L)'
;AKSAPAPKKGSKKAVTKTQKKDGKKRRKTRKESYAIYVYKVLKQVHPDTGISSKAMSIMNSFVNDVFERIAGEASRLAHY
NKRSTITSREIQTAVRLLLPGELAKHAVSEGTKAVTKYTSAK
;
D,H
#
loop_
_chem_comp.id
_chem_comp.type
_chem_comp.name
_chem_comp.formula
ABU non-polymer 'GAMMA-AMINO-BUTANOIC ACID' 'C4 H9 N O2'
BAL peptide-like BETA-ALANINE 'C3 H7 N O2'
CL non-polymer 'CHLORIDE ION' 'Cl -1'
DA DNA linking 2'-DEOXYADENOSINE-5'-MONOPHOSPHATE 'C10 H14 N5 O6 P'
DC DNA linking 2'-DEOXYCYTIDINE-5'-MONOPHOSPHATE 'C9 H14 N3 O7 P'
DG DNA linking 2'-DEOXYGUANOSINE-5'-MONOPHOSPHATE 'C10 H14 N5 O7 P'
DIB non-polymer 3-AMINO-(DIMETHYLPROPYLAMINE) 'C5 H14 N2'
DT DNA linking THYMIDINE-5'-MONOPHOSPHATE 'C10 H15 N2 O8 P'
IMT non-polymer '4-AMINO-(1-METHYLIMIDAZOLE)-2-CARBOXYLIC ACID' 'C5 H7 N3 O2'
MN non-polymer 'MANGANESE (II) ION' 'Mn 2'
OGG non-polymer 2-(2-CARBAMOYLMETHOXY-ETHOXY)-ACETAMIDE 'C6 H12 N2 O4'
PYB non-polymer '4-AMINO-(1-METHYLPYRROLE)-2-CARBOXYLIC ACID' 'C6 H8 N2 O2'
#
# COMPACT_ATOMS: atom_id res chain seq x y z
N PRO C 38 -44.21 21.76 -26.88
CA PRO C 38 -44.03 21.69 -25.41
C PRO C 38 -43.21 20.47 -25.05
N HIS C 39 -41.93 20.48 -25.44
CA HIS C 39 -41.10 19.33 -25.16
C HIS C 39 -40.58 19.16 -23.75
N ARG C 40 -40.58 17.92 -23.29
CA ARG C 40 -40.10 17.61 -21.96
C ARG C 40 -39.63 16.17 -21.79
N TYR C 41 -38.34 16.02 -21.54
CA TYR C 41 -37.74 14.72 -21.32
C TYR C 41 -38.10 14.23 -19.93
N ARG C 42 -38.40 12.95 -19.81
CA ARG C 42 -38.76 12.38 -18.53
C ARG C 42 -37.56 12.28 -17.58
N PRO C 43 -37.80 12.33 -16.27
CA PRO C 43 -36.72 12.24 -15.30
C PRO C 43 -35.84 11.03 -15.56
N GLY C 44 -34.53 11.26 -15.72
CA GLY C 44 -33.62 10.18 -15.98
C GLY C 44 -33.03 10.14 -17.38
N THR C 45 -33.82 10.60 -18.36
CA THR C 45 -33.38 10.60 -19.75
C THR C 45 -32.16 11.51 -19.98
N VAL C 46 -32.23 12.73 -19.50
CA VAL C 46 -31.12 13.65 -19.66
C VAL C 46 -29.95 13.20 -18.79
N ALA C 47 -30.25 12.71 -17.59
CA ALA C 47 -29.20 12.22 -16.69
C ALA C 47 -28.39 11.14 -17.41
N LEU C 48 -29.10 10.21 -18.03
CA LEU C 48 -28.46 9.13 -18.78
C LEU C 48 -27.62 9.70 -19.91
N ARG C 49 -28.17 10.72 -20.57
CA ARG C 49 -27.49 11.38 -21.66
C ARG C 49 -26.19 12.02 -21.16
N GLU C 50 -26.25 12.62 -19.98
CA GLU C 50 -25.08 13.25 -19.38
C GLU C 50 -24.01 12.21 -19.02
N ILE C 51 -24.43 11.06 -18.50
CA ILE C 51 -23.47 10.02 -18.14
C ILE C 51 -22.67 9.62 -19.37
N ARG C 52 -23.36 9.37 -20.48
CA ARG C 52 -22.69 8.99 -21.72
C ARG C 52 -21.74 10.07 -22.22
N ARG C 53 -22.14 11.33 -22.08
CA ARG C 53 -21.31 12.43 -22.53
C ARG C 53 -20.01 12.56 -21.72
N TYR C 54 -20.15 12.68 -20.40
CA TYR C 54 -18.98 12.82 -19.55
C TYR C 54 -18.07 11.59 -19.47
N GLN C 55 -18.61 10.40 -19.76
CA GLN C 55 -17.77 9.21 -19.71
C GLN C 55 -16.97 9.10 -21.01
N LYS C 56 -17.33 9.92 -21.98
CA LYS C 56 -16.64 9.91 -23.25
C LYS C 56 -15.51 10.94 -23.29
N SER C 57 -15.65 12.01 -22.51
CA SER C 57 -14.66 13.08 -22.47
C SER C 57 -13.67 12.95 -21.30
N THR C 58 -12.63 13.78 -21.31
CA THR C 58 -11.60 13.75 -20.29
C THR C 58 -11.33 15.09 -19.61
N GLU C 59 -11.98 16.15 -20.08
CA GLU C 59 -11.75 17.45 -19.48
C GLU C 59 -12.12 17.53 -18.02
N LEU C 60 -11.46 18.43 -17.29
CA LEU C 60 -11.73 18.61 -15.88
C LEU C 60 -13.16 19.12 -15.76
N LEU C 61 -13.84 18.72 -14.69
CA LEU C 61 -15.24 19.08 -14.51
C LEU C 61 -15.51 20.17 -13.49
N ILE C 62 -14.52 20.47 -12.65
CA ILE C 62 -14.68 21.54 -11.68
C ILE C 62 -14.01 22.77 -12.31
N ARG C 63 -14.58 23.94 -12.12
CA ARG C 63 -13.98 25.15 -12.69
C ARG C 63 -12.66 25.48 -12.01
N LYS C 64 -11.67 25.85 -12.82
CA LYS C 64 -10.32 26.16 -12.31
C LYS C 64 -10.19 27.15 -11.17
N LEU C 65 -10.68 28.37 -11.37
CA LEU C 65 -10.56 29.41 -10.35
C LEU C 65 -11.07 29.00 -8.98
N PRO C 66 -12.30 28.49 -8.89
CA PRO C 66 -12.83 28.09 -7.58
C PRO C 66 -11.94 27.02 -6.94
N PHE C 67 -11.48 26.08 -7.76
CA PHE C 67 -10.64 25.02 -7.25
C PHE C 67 -9.34 25.59 -6.70
N GLN C 68 -8.74 26.51 -7.45
CA GLN C 68 -7.49 27.13 -7.04
C GLN C 68 -7.63 27.88 -5.72
N ARG C 69 -8.74 28.59 -5.53
CA ARG C 69 -8.97 29.32 -4.28
C ARG C 69 -9.02 28.33 -3.13
N LEU C 70 -9.73 27.23 -3.36
CA LEU C 70 -9.88 26.19 -2.34
C LEU C 70 -8.53 25.66 -1.93
N VAL C 71 -7.73 25.31 -2.93
CA VAL C 71 -6.40 24.79 -2.68
C VAL C 71 -5.56 25.77 -1.87
N ARG C 72 -5.51 27.01 -2.33
CA ARG C 72 -4.73 28.04 -1.64
C ARG C 72 -5.17 28.24 -0.20
N GLU C 73 -6.48 28.26 0.02
CA GLU C 73 -7.01 28.42 1.36
C GLU C 73 -6.56 27.29 2.28
N ILE C 74 -6.65 26.06 1.79
CA ILE C 74 -6.25 24.91 2.59
C ILE C 74 -4.76 24.97 2.90
N ALA C 75 -3.94 25.29 1.90
CA ALA C 75 -2.50 25.36 2.10
C ALA C 75 -2.12 26.44 3.13
N GLN C 76 -2.87 27.54 3.11
CA GLN C 76 -2.62 28.64 4.04
C GLN C 76 -2.59 28.16 5.49
N ASP C 77 -3.36 27.13 5.81
CA ASP C 77 -3.40 26.60 7.17
C ASP C 77 -2.10 25.90 7.54
N PHE C 78 -1.38 25.41 6.55
CA PHE C 78 -0.14 24.70 6.80
C PHE C 78 1.08 25.60 6.74
N LYS C 79 1.06 26.57 5.83
CA LYS C 79 2.15 27.52 5.69
C LYS C 79 1.63 28.75 4.98
N THR C 80 1.94 29.92 5.55
CA THR C 80 1.50 31.19 4.99
C THR C 80 2.39 31.70 3.86
N ASP C 81 1.84 32.59 3.06
CA ASP C 81 2.56 33.22 1.96
C ASP C 81 3.15 32.25 0.95
N LEU C 82 2.41 31.20 0.62
CA LEU C 82 2.90 30.23 -0.35
C LEU C 82 2.47 30.58 -1.76
N ARG C 83 3.27 30.16 -2.73
CA ARG C 83 2.95 30.35 -4.13
C ARG C 83 2.82 28.93 -4.72
N PHE C 84 2.11 28.79 -5.82
CA PHE C 84 1.90 27.49 -6.45
C PHE C 84 2.27 27.54 -7.93
N GLN C 85 2.99 26.53 -8.43
CA GLN C 85 3.28 26.49 -9.87
C GLN C 85 1.91 26.14 -10.43
N SER C 86 1.59 26.61 -11.64
CA SER C 86 0.30 26.30 -12.21
C SER C 86 0.16 24.79 -12.36
N SER C 87 1.24 24.12 -12.74
CA SER C 87 1.21 22.66 -12.91
C SER C 87 0.92 21.93 -11.60
N ALA C 88 1.24 22.56 -10.47
CA ALA C 88 0.98 21.96 -9.16
C ALA C 88 -0.52 21.93 -8.91
N VAL C 89 -1.17 23.04 -9.20
CA VAL C 89 -2.61 23.13 -9.00
C VAL C 89 -3.33 22.15 -9.93
N MET C 90 -2.88 22.07 -11.17
N MET C 90 -2.89 22.07 -11.18
CA MET C 90 -3.50 21.17 -12.14
CA MET C 90 -3.51 21.17 -12.14
C MET C 90 -3.36 19.72 -11.71
C MET C 90 -3.37 19.72 -11.67
N ALA C 91 -2.18 19.37 -11.20
CA ALA C 91 -1.93 18.01 -10.72
C ALA C 91 -2.89 17.72 -9.57
N LEU C 92 -3.07 18.71 -8.70
CA LEU C 92 -3.99 18.58 -7.58
C LEU C 92 -5.41 18.37 -8.08
N GLN C 93 -5.78 19.07 -9.16
CA GLN C 93 -7.13 18.95 -9.69
C GLN C 93 -7.37 17.63 -10.42
N GLU C 94 -6.37 17.14 -11.14
CA GLU C 94 -6.49 15.88 -11.86
C GLU C 94 -6.67 14.75 -10.83
N ALA C 95 -5.85 14.76 -9.78
CA ALA C 95 -5.92 13.74 -8.73
C ALA C 95 -7.24 13.82 -7.95
N SER C 96 -7.68 15.05 -7.64
CA SER C 96 -8.92 15.23 -6.89
C SER C 96 -10.13 14.74 -7.68
N GLU C 97 -10.20 15.07 -8.96
CA GLU C 97 -11.34 14.63 -9.76
C GLU C 97 -11.35 13.12 -10.01
N ALA C 98 -10.18 12.54 -10.25
CA ALA C 98 -10.07 11.10 -10.48
C ALA C 98 -10.53 10.37 -9.21
N TYR C 99 -10.15 10.92 -8.05
CA TYR C 99 -10.52 10.34 -6.76
C TYR C 99 -12.04 10.44 -6.58
N LEU C 100 -12.60 11.63 -6.81
CA LEU C 100 -14.03 11.80 -6.64
C LEU C 100 -14.84 10.98 -7.63
N VAL C 101 -14.35 10.83 -8.85
CA VAL C 101 -15.07 10.06 -9.85
C VAL C 101 -15.10 8.59 -9.43
N ALA C 102 -13.95 8.07 -9.01
CA ALA C 102 -13.89 6.67 -8.57
C ALA C 102 -14.73 6.44 -7.32
N LEU C 103 -14.75 7.41 -6.42
CA LEU C 103 -15.55 7.29 -5.20
C LEU C 103 -17.04 7.23 -5.58
N PHE C 104 -17.44 8.02 -6.58
CA PHE C 104 -18.83 8.03 -7.03
C PHE C 104 -19.23 6.69 -7.61
N GLU C 105 -18.30 6.00 -8.26
CA GLU C 105 -18.58 4.68 -8.81
C GLU C 105 -18.88 3.76 -7.62
N ASP C 106 -18.01 3.75 -6.61
CA ASP C 106 -18.24 2.90 -5.42
C ASP C 106 -19.53 3.26 -4.73
N THR C 107 -19.77 4.56 -4.61
CA THR C 107 -20.96 5.06 -3.98
C THR C 107 -22.23 4.53 -4.69
N ASN C 108 -22.16 4.49 -6.02
CA ASN C 108 -23.28 4.03 -6.84
C ASN C 108 -23.50 2.55 -6.60
N LEU C 109 -22.43 1.78 -6.46
CA LEU C 109 -22.57 0.35 -6.19
C LEU C 109 -23.27 0.13 -4.83
N CYS C 110 -22.97 0.99 -3.85
CA CYS C 110 -23.61 0.86 -2.54
C CYS C 110 -25.10 1.19 -2.60
N ALA C 111 -25.46 2.24 -3.35
CA ALA C 111 -26.87 2.60 -3.50
C ALA C 111 -27.63 1.43 -4.15
N ILE C 112 -27.05 0.89 -5.22
CA ILE C 112 -27.68 -0.22 -5.92
C ILE C 112 -27.78 -1.47 -5.04
N HIS C 113 -26.82 -1.64 -4.15
CA HIS C 113 -26.81 -2.79 -3.25
C HIS C 113 -28.07 -2.74 -2.37
N ALA C 114 -28.46 -1.53 -1.98
CA ALA C 114 -29.61 -1.32 -1.15
C ALA C 114 -30.87 -1.18 -1.99
N LYS C 115 -30.78 -1.58 -3.25
CA LYS C 115 -31.90 -1.51 -4.19
C LYS C 115 -32.42 -0.10 -4.47
N ARG C 116 -31.52 0.87 -4.50
CA ARG C 116 -31.90 2.24 -4.81
C ARG C 116 -31.15 2.62 -6.07
N VAL C 117 -31.55 3.73 -6.69
CA VAL C 117 -30.87 4.21 -7.88
C VAL C 117 -30.38 5.61 -7.57
N THR C 118 -30.65 6.06 -6.35
CA THR C 118 -30.27 7.39 -5.88
C THR C 118 -29.16 7.30 -4.85
N ILE C 119 -28.04 7.97 -5.10
CA ILE C 119 -26.95 7.95 -4.11
C ILE C 119 -27.23 8.89 -2.95
N MET C 120 -26.92 8.43 -1.75
CA MET C 120 -27.13 9.21 -0.52
C MET C 120 -25.84 9.29 0.28
N PRO C 121 -25.79 10.18 1.28
CA PRO C 121 -24.58 10.32 2.09
C PRO C 121 -24.15 9.01 2.71
N LYS C 122 -25.11 8.19 3.13
CA LYS C 122 -24.77 6.91 3.74
C LYS C 122 -24.04 5.99 2.76
N ASP C 123 -24.25 6.19 1.45
CA ASP C 123 -23.57 5.35 0.45
C ASP C 123 -22.11 5.77 0.39
N ILE C 124 -21.86 7.08 0.37
CA ILE C 124 -20.49 7.60 0.34
C ILE C 124 -19.79 7.15 1.61
N GLN C 125 -20.50 7.22 2.74
CA GLN C 125 -19.94 6.83 4.02
C GLN C 125 -19.53 5.37 4.04
N LEU C 126 -20.40 4.49 3.57
CA LEU C 126 -20.08 3.07 3.54
C LEU C 126 -18.84 2.82 2.69
N ALA C 127 -18.82 3.42 1.50
CA ALA C 127 -17.71 3.25 0.58
C ALA C 127 -16.37 3.64 1.22
N ARG C 128 -16.34 4.82 1.84
CA ARG C 128 -15.13 5.31 2.49
C ARG C 128 -14.73 4.41 3.66
N ARG C 129 -15.70 3.93 4.42
CA ARG C 129 -15.41 3.05 5.54
C ARG C 129 -14.74 1.75 5.05
N ILE C 130 -15.29 1.16 3.99
CA ILE C 130 -14.71 -0.09 3.47
C ILE C 130 -13.35 0.12 2.82
N ARG C 131 -13.15 1.28 2.22
CA ARG C 131 -11.86 1.60 1.59
C ARG C 131 -10.81 1.83 2.68
N GLY C 132 -11.26 2.11 3.90
CA GLY C 132 -10.38 2.36 5.01
C GLY C 132 -10.00 3.83 5.12
N GLU C 133 -10.83 4.73 4.61
CA GLU C 133 -10.58 6.16 4.68
C GLU C 133 -11.25 6.72 5.88
N ARG C 134 -12.30 6.02 6.33
CA ARG C 134 -13.04 6.43 7.50
C ARG C 134 -12.47 5.45 8.50
N ALA C 135 -12.49 4.17 8.13
CA ALA C 135 -11.93 3.14 8.98
C ALA C 135 -10.48 3.53 9.25
N LEU D 22 -21.24 37.27 -1.61
CA LEU D 22 -20.14 36.35 -1.21
C LEU D 22 -20.45 34.90 -1.57
N ARG D 23 -19.59 33.98 -1.12
CA ARG D 23 -19.71 32.53 -1.36
C ARG D 23 -18.28 32.10 -1.10
N ASP D 24 -18.06 31.44 0.04
CA ASP D 24 -16.71 31.03 0.41
C ASP D 24 -16.14 29.71 -0.11
N ASN D 25 -15.04 29.86 -0.86
CA ASN D 25 -14.26 28.79 -1.46
C ASN D 25 -14.86 27.40 -1.63
N ILE D 26 -15.00 26.65 -0.53
CA ILE D 26 -15.55 25.31 -0.61
C ILE D 26 -16.88 25.28 -1.36
N GLN D 27 -17.66 26.35 -1.24
CA GLN D 27 -18.95 26.43 -1.94
C GLN D 27 -18.72 26.72 -3.42
N GLY D 28 -17.49 27.13 -3.74
CA GLY D 28 -17.13 27.39 -5.12
C GLY D 28 -17.25 26.09 -5.88
N ILE D 29 -17.08 24.97 -5.18
CA ILE D 29 -17.21 23.66 -5.81
C ILE D 29 -18.72 23.53 -5.87
N THR D 30 -19.28 23.93 -7.00
CA THR D 30 -20.72 23.94 -7.19
C THR D 30 -21.47 22.64 -7.41
N LYS D 31 -22.79 22.75 -7.27
CA LYS D 31 -23.68 21.63 -7.46
C LYS D 31 -23.51 21.08 -8.88
N PRO D 32 -23.56 21.96 -9.90
CA PRO D 32 -23.38 21.46 -11.27
C PRO D 32 -22.06 20.73 -11.48
N ALA D 33 -21.01 21.19 -10.81
CA ALA D 33 -19.69 20.56 -10.93
C ALA D 33 -19.71 19.16 -10.31
N ILE D 34 -20.26 19.07 -9.10
CA ILE D 34 -20.35 17.82 -8.39
C ILE D 34 -21.22 16.83 -9.15
N ARG D 35 -22.27 17.34 -9.80
CA ARG D 35 -23.15 16.48 -10.60
C ARG D 35 -22.38 15.95 -11.81
N ARG D 36 -21.56 16.78 -12.43
CA ARG D 36 -20.78 16.31 -13.58
C ARG D 36 -19.83 15.17 -13.15
N LEU D 37 -19.17 15.34 -12.00
CA LEU D 37 -18.27 14.31 -11.47
C LEU D 37 -19.05 13.01 -11.27
N ALA D 38 -20.22 13.11 -10.66
CA ALA D 38 -21.06 11.94 -10.41
C ALA D 38 -21.45 11.28 -11.74
N ARG D 39 -21.78 12.08 -12.73
CA ARG D 39 -22.16 11.56 -14.05
C ARG D 39 -21.02 10.73 -14.63
N ARG D 40 -19.80 11.26 -14.58
CA ARG D 40 -18.65 10.52 -15.10
C ARG D 40 -18.48 9.23 -14.30
N GLY D 41 -18.91 9.27 -13.03
CA GLY D 41 -18.82 8.09 -12.18
C GLY D 41 -19.99 7.12 -12.42
N GLY D 42 -20.85 7.44 -13.40
CA GLY D 42 -21.98 6.58 -13.71
C GLY D 42 -23.26 6.77 -12.90
N VAL D 43 -23.33 7.84 -12.12
CA VAL D 43 -24.49 8.11 -11.28
C VAL D 43 -25.67 8.75 -12.00
N LYS D 44 -26.84 8.16 -11.85
CA LYS D 44 -28.07 8.63 -12.50
C LYS D 44 -28.96 9.56 -11.68
N ARG D 45 -29.00 9.35 -10.37
CA ARG D 45 -29.86 10.15 -9.50
C ARG D 45 -29.10 10.52 -8.22
N ILE D 46 -29.20 11.78 -7.82
CA ILE D 46 -28.46 12.30 -6.67
C ILE D 46 -29.31 12.97 -5.59
N SER D 47 -29.13 12.55 -4.34
CA SER D 47 -29.86 13.11 -3.23
C SER D 47 -29.36 14.53 -2.95
N GLY D 48 -30.23 15.40 -2.45
CA GLY D 48 -29.86 16.77 -2.19
C GLY D 48 -28.72 16.92 -1.20
N LEU D 49 -28.61 15.98 -0.27
CA LEU D 49 -27.58 16.00 0.75
C LEU D 49 -26.17 15.61 0.25
N ILE D 50 -26.09 15.06 -0.96
CA ILE D 50 -24.81 14.64 -1.52
C ILE D 50 -23.79 15.77 -1.68
N TYR D 51 -24.25 16.91 -2.18
CA TYR D 51 -23.37 18.05 -2.43
C TYR D 51 -22.52 18.48 -1.24
N GLU D 52 -23.11 18.64 -0.08
CA GLU D 52 -22.34 19.05 1.09
C GLU D 52 -21.43 17.90 1.53
N GLU D 53 -21.92 16.67 1.43
CA GLU D 53 -21.13 15.51 1.80
C GLU D 53 -19.88 15.46 0.92
N THR D 54 -20.05 15.69 -0.38
CA THR D 54 -18.95 15.65 -1.34
C THR D 54 -17.89 16.69 -1.01
N ARG D 55 -18.31 17.92 -0.74
CA ARG D 55 -17.37 19.00 -0.41
C ARG D 55 -16.54 18.60 0.79
N GLY D 56 -17.20 18.07 1.82
CA GLY D 56 -16.49 17.64 3.01
C GLY D 56 -15.44 16.59 2.65
N VAL D 57 -15.81 15.65 1.80
CA VAL D 57 -14.88 14.60 1.40
C VAL D 57 -13.69 15.16 0.64
N LEU D 58 -13.96 16.05 -0.32
CA LEU D 58 -12.90 16.67 -1.11
C LEU D 58 -11.97 17.48 -0.19
N LYS D 59 -12.54 18.15 0.79
CA LYS D 59 -11.73 18.94 1.71
C LYS D 59 -10.73 18.03 2.43
N VAL D 60 -11.20 16.90 2.93
CA VAL D 60 -10.32 15.96 3.62
C VAL D 60 -9.22 15.47 2.67
N PHE D 61 -9.60 15.14 1.44
CA PHE D 61 -8.63 14.69 0.44
C PHE D 61 -7.54 15.74 0.22
N LEU D 62 -7.98 16.97 -0.07
CA LEU D 62 -7.03 18.07 -0.30
C LEU D 62 -6.14 18.31 0.92
N GLU D 63 -6.73 18.34 2.11
CA GLU D 63 -5.95 18.56 3.32
C GLU D 63 -4.83 17.54 3.44
N ASN D 64 -5.17 16.27 3.25
CA ASN D 64 -4.15 15.22 3.34
C ASN D 64 -3.04 15.36 2.32
N VAL D 65 -3.40 15.55 1.05
CA VAL D 65 -2.39 15.70 0.01
C VAL D 65 -1.56 16.99 0.16
N ILE D 66 -2.23 18.12 0.31
CA ILE D 66 -1.55 19.41 0.46
C ILE D 66 -0.60 19.46 1.65
N ARG D 67 -1.05 18.94 2.78
CA ARG D 67 -0.21 18.90 3.97
C ARG D 67 1.13 18.26 3.60
N ASP D 68 1.08 17.11 2.94
CA ASP D 68 2.33 16.43 2.55
C ASP D 68 3.10 17.23 1.49
N ALA D 69 2.39 17.81 0.51
CA ALA D 69 3.07 18.58 -0.52
C ALA D 69 3.81 19.75 0.13
N VAL D 70 3.14 20.43 1.06
CA VAL D 70 3.76 21.57 1.75
C VAL D 70 4.99 21.13 2.54
N THR D 71 4.92 19.95 3.16
CA THR D 71 6.04 19.44 3.93
C THR D 71 7.27 19.25 3.01
N TYR D 72 7.04 18.81 1.77
CA TYR D 72 8.14 18.66 0.83
C TYR D 72 8.64 20.06 0.43
N THR D 73 7.72 21.00 0.28
CA THR D 73 8.08 22.38 -0.09
C THR D 73 9.00 22.99 0.98
N GLU D 74 8.55 22.99 2.23
CA GLU D 74 9.34 23.54 3.33
C GLU D 74 10.68 22.85 3.44
N HIS D 75 10.71 21.53 3.26
CA HIS D 75 11.96 20.82 3.37
C HIS D 75 12.97 21.32 2.36
N ALA D 76 12.48 21.72 1.18
CA ALA D 76 13.34 22.19 0.11
C ALA D 76 13.62 23.68 0.27
N LYS D 77 13.10 24.27 1.34
CA LYS D 77 13.30 25.68 1.62
C LYS D 77 12.79 26.59 0.50
N ARG D 78 11.59 26.28 -0.02
CA ARG D 78 10.98 27.07 -1.07
C ARG D 78 9.71 27.70 -0.55
N LYS D 79 9.17 28.65 -1.31
CA LYS D 79 7.94 29.32 -0.95
C LYS D 79 6.91 28.95 -2.00
N THR D 80 7.34 28.16 -2.97
CA THR D 80 6.47 27.75 -4.07
C THR D 80 6.24 26.23 -4.14
N VAL D 81 4.99 25.82 -4.04
CA VAL D 81 4.67 24.39 -4.11
C VAL D 81 4.79 23.98 -5.58
N THR D 82 5.67 23.03 -5.87
CA THR D 82 5.86 22.59 -7.26
C THR D 82 5.01 21.35 -7.56
N ALA D 83 4.88 21.06 -8.85
CA ALA D 83 4.12 19.89 -9.28
C ALA D 83 4.73 18.65 -8.65
N MET D 84 6.06 18.58 -8.61
CA MET D 84 6.74 17.44 -8.03
C MET D 84 6.39 17.25 -6.55
N ASP D 85 6.26 18.37 -5.81
CA ASP D 85 5.89 18.28 -4.40
C ASP D 85 4.53 17.53 -4.35
N VAL D 86 3.61 17.90 -5.23
CA VAL D 86 2.31 17.26 -5.27
C VAL D 86 2.41 15.79 -5.70
N VAL D 87 3.16 15.52 -6.77
CA VAL D 87 3.34 14.15 -7.27
C VAL D 87 3.88 13.23 -6.16
N TYR D 88 4.87 13.72 -5.44
CA TYR D 88 5.46 12.95 -4.34
C TYR D 88 4.43 12.74 -3.22
N ALA D 89 3.65 13.78 -2.93
CA ALA D 89 2.64 13.68 -1.88
C ALA D 89 1.60 12.62 -2.27
N LEU D 90 1.13 12.69 -3.51
CA LEU D 90 0.14 11.75 -4.00
C LEU D 90 0.69 10.32 -3.96
N LYS D 91 1.95 10.16 -4.34
CA LYS D 91 2.55 8.82 -4.34
C LYS D 91 2.63 8.19 -2.96
N ARG D 92 3.03 8.95 -1.94
CA ARG D 92 3.13 8.33 -0.62
C ARG D 92 1.75 8.08 -0.05
N GLN D 93 0.74 8.70 -0.65
N GLN D 93 0.74 8.69 -0.64
CA GLN D 93 -0.64 8.52 -0.22
CA GLN D 93 -0.63 8.46 -0.18
C GLN D 93 -1.28 7.34 -0.99
C GLN D 93 -1.27 7.31 -0.96
N GLY D 94 -0.46 6.65 -1.78
CA GLY D 94 -0.98 5.53 -2.56
C GLY D 94 -1.87 5.98 -3.71
N ARG D 95 -1.64 7.18 -4.22
N ARG D 95 -1.63 7.19 -4.22
CA ARG D 95 -2.45 7.70 -5.32
CA ARG D 95 -2.43 7.73 -5.32
C ARG D 95 -1.56 8.24 -6.45
C ARG D 95 -1.55 8.24 -6.45
N THR D 96 -0.61 7.42 -6.88
CA THR D 96 0.33 7.79 -7.94
C THR D 96 -0.37 8.45 -9.13
N LEU D 97 0.20 9.57 -9.58
CA LEU D 97 -0.33 10.32 -10.70
C LEU D 97 0.69 10.41 -11.85
N TYR D 98 0.27 10.06 -13.06
CA TYR D 98 1.15 10.13 -14.23
C TYR D 98 0.83 11.38 -15.03
N GLY D 99 1.83 11.93 -15.69
CA GLY D 99 1.62 13.10 -16.52
C GLY D 99 2.15 14.41 -16.00
N PHE D 100 2.80 14.39 -14.84
CA PHE D 100 3.30 15.63 -14.27
C PHE D 100 4.72 15.57 -13.74
N GLY D 101 5.51 14.63 -14.24
CA GLY D 101 6.88 14.53 -13.75
C GLY D 101 7.30 13.15 -13.26
N GLY D 102 6.34 12.33 -12.83
CA GLY D 102 6.72 11.00 -12.37
C GLY D 102 5.68 10.26 -11.57
N ALA E 12 40.41 6.31 29.17
CA ALA E 12 40.19 7.77 29.03
C ALA E 12 38.76 8.13 28.62
N LYS E 13 37.80 7.65 29.42
CA LYS E 13 36.37 7.93 29.25
C LYS E 13 35.61 7.87 27.91
N ALA E 14 35.41 6.68 27.36
CA ALA E 14 34.64 6.58 26.11
C ALA E 14 33.18 6.35 26.50
N LYS E 15 32.34 7.37 26.31
CA LYS E 15 30.93 7.25 26.62
C LYS E 15 30.13 6.89 25.38
N THR E 16 29.14 6.02 25.53
CA THR E 16 28.30 5.63 24.40
C THR E 16 27.59 6.85 23.84
N ARG E 17 27.40 6.86 22.53
CA ARG E 17 26.70 7.98 21.90
C ARG E 17 25.28 8.10 22.48
N SER E 18 24.74 6.98 22.94
CA SER E 18 23.41 7.00 23.53
C SER E 18 23.42 7.83 24.83
N SER E 19 24.37 7.54 25.71
CA SER E 19 24.46 8.28 26.95
C SER E 19 24.64 9.76 26.67
N ARG E 20 25.47 10.09 25.71
N ARG E 20 25.55 10.01 25.67
CA ARG E 20 25.74 11.47 25.35
CA ARG E 20 25.88 11.34 25.15
C ARG E 20 24.47 12.14 24.90
C ARG E 20 24.70 12.03 24.47
N ALA E 21 23.58 11.32 24.33
CA ALA E 21 22.35 11.84 23.76
C ALA E 21 21.22 11.75 24.79
N GLY E 22 21.51 11.09 25.92
CA GLY E 22 20.51 10.92 26.97
C GLY E 22 19.45 9.91 26.55
N LEU E 23 19.85 8.90 25.77
CA LEU E 23 18.90 7.90 25.30
C LEU E 23 19.14 6.48 25.79
N GLN E 24 18.09 5.67 25.73
CA GLN E 24 18.14 4.27 26.12
C GLN E 24 18.41 3.45 24.85
N PHE E 25 17.80 3.87 23.74
CA PHE E 25 18.00 3.17 22.46
C PHE E 25 19.43 3.35 21.94
N PRO E 26 20.00 2.30 21.31
CA PRO E 26 21.37 2.26 20.76
C PRO E 26 21.66 3.10 19.53
N VAL E 27 22.25 4.27 19.75
CA VAL E 27 22.59 5.17 18.66
C VAL E 27 23.58 4.51 17.70
N GLY E 28 24.59 3.85 18.26
CA GLY E 28 25.59 3.21 17.42
C GLY E 28 25.02 2.17 16.48
N ARG E 29 24.09 1.37 17.00
CA ARG E 29 23.45 0.32 16.22
C ARG E 29 22.61 0.95 15.12
N VAL E 30 21.85 1.97 15.49
CA VAL E 30 21.00 2.68 14.54
C VAL E 30 21.82 3.31 13.41
N HIS E 31 22.97 3.87 13.75
CA HIS E 31 23.85 4.47 12.75
C HIS E 31 24.30 3.40 11.76
N ARG E 32 24.67 2.26 12.31
CA ARG E 32 25.13 1.15 11.49
C ARG E 32 24.00 0.62 10.60
N LEU E 33 22.81 0.44 11.17
CA LEU E 33 21.69 -0.08 10.39
C LEU E 33 21.35 0.88 9.26
N LEU E 34 21.48 2.18 9.50
CA LEU E 34 21.20 3.16 8.46
C LEU E 34 22.20 2.97 7.30
N ARG E 35 23.45 2.65 7.63
CA ARG E 35 24.47 2.44 6.58
C ARG E 35 24.27 1.18 5.77
N LYS E 36 24.04 0.06 6.45
CA LYS E 36 23.85 -1.21 5.77
C LYS E 36 22.55 -1.27 4.98
N GLY E 37 21.58 -0.42 5.36
CA GLY E 37 20.31 -0.42 4.67
C GLY E 37 20.39 0.30 3.34
N ASN E 38 21.53 0.92 3.07
CA ASN E 38 21.74 1.65 1.82
C ASN E 38 20.62 2.65 1.57
N TYR E 39 20.40 3.52 2.53
CA TYR E 39 19.37 4.53 2.39
C TYR E 39 19.90 5.74 1.64
N ALA E 40 21.20 5.99 1.79
CA ALA E 40 21.87 7.10 1.13
C ALA E 40 23.37 6.85 1.09
N GLU E 41 24.09 7.65 0.33
CA GLU E 41 25.53 7.48 0.26
C GLU E 41 26.17 7.83 1.59
N ARG E 42 25.64 8.87 2.23
CA ARG E 42 26.19 9.33 3.50
C ARG E 42 25.13 9.53 4.58
N VAL E 43 25.56 9.43 5.84
CA VAL E 43 24.68 9.60 7.00
C VAL E 43 25.29 10.59 7.98
N GLY E 44 24.61 11.70 8.20
CA GLY E 44 25.09 12.69 9.14
C GLY E 44 25.09 12.14 10.55
N ALA E 45 25.95 12.70 11.41
CA ALA E 45 26.07 12.25 12.80
C ALA E 45 24.78 12.42 13.62
N GLY E 46 24.02 13.47 13.34
CA GLY E 46 22.78 13.67 14.09
C GLY E 46 21.62 12.79 13.64
N ALA E 47 21.73 12.21 12.45
CA ALA E 47 20.67 11.35 11.91
C ALA E 47 20.32 10.18 12.82
N PRO E 48 21.30 9.33 13.17
CA PRO E 48 21.03 8.18 14.03
C PRO E 48 20.60 8.58 15.45
N VAL E 49 21.01 9.76 15.89
CA VAL E 49 20.63 10.23 17.24
C VAL E 49 19.15 10.57 17.23
N TYR E 50 18.76 11.33 16.22
CA TYR E 50 17.37 11.75 16.07
C TYR E 50 16.47 10.51 15.91
N LEU E 51 16.87 9.61 15.03
CA LEU E 51 16.10 8.39 14.77
C LEU E 51 15.98 7.50 16.02
N ALA E 52 17.09 7.29 16.73
CA ALA E 52 17.03 6.47 17.94
C ALA E 52 16.05 7.10 18.94
N ALA E 53 16.03 8.42 19.01
CA ALA E 53 15.14 9.13 19.94
C ALA E 53 13.68 8.88 19.59
N VAL E 54 13.37 8.94 18.31
CA VAL E 54 12.00 8.75 17.85
C VAL E 54 11.54 7.32 18.10
N LEU E 55 12.40 6.35 17.82
CA LEU E 55 12.06 4.95 18.03
C LEU E 55 11.82 4.73 19.52
N GLU E 56 12.69 5.31 20.35
CA GLU E 56 12.54 5.16 21.78
C GLU E 56 11.24 5.79 22.26
N TYR E 57 10.90 6.96 21.72
CA TYR E 57 9.67 7.63 22.12
C TYR E 57 8.43 6.85 21.73
N LEU E 58 8.40 6.30 20.51
CA LEU E 58 7.24 5.55 20.08
C LEU E 58 7.03 4.30 20.90
N THR E 59 8.15 3.64 21.26
CA THR E 59 8.11 2.43 22.10
C THR E 59 7.49 2.78 23.47
N ALA E 60 7.94 3.89 24.04
CA ALA E 60 7.45 4.37 25.34
C ALA E 60 5.95 4.59 25.26
N GLU E 61 5.52 5.23 24.19
CA GLU E 61 4.10 5.51 24.00
C GLU E 61 3.24 4.22 23.94
N ILE E 62 3.67 3.24 23.16
CA ILE E 62 2.88 2.00 23.05
C ILE E 62 2.98 1.17 24.33
N LEU E 63 4.16 1.16 24.97
CA LEU E 63 4.29 0.39 26.21
C LEU E 63 3.46 1.02 27.34
N GLU E 64 3.36 2.34 27.34
CA GLU E 64 2.58 3.02 28.36
C GLU E 64 1.14 2.54 28.23
N LEU E 65 0.59 2.65 27.02
CA LEU E 65 -0.78 2.23 26.74
C LEU E 65 -1.03 0.72 26.94
N ALA E 66 -0.05 -0.10 26.55
CA ALA E 66 -0.22 -1.56 26.70
C ALA E 66 -0.18 -1.93 28.18
N GLY E 67 0.73 -1.33 28.94
CA GLY E 67 0.76 -1.62 30.36
C GLY E 67 -0.56 -1.25 30.99
N ASN E 68 -1.16 -0.14 30.56
CA ASN E 68 -2.45 0.27 31.13
C ASN E 68 -3.53 -0.76 30.78
N ALA E 69 -3.48 -1.30 29.56
CA ALA E 69 -4.47 -2.30 29.15
C ALA E 69 -4.27 -3.54 30.01
N ALA E 70 -3.01 -3.90 30.24
CA ALA E 70 -2.72 -5.06 31.07
C ALA E 70 -3.32 -4.86 32.47
N ARG E 71 -3.02 -3.70 33.08
CA ARG E 71 -3.57 -3.42 34.41
C ARG E 71 -5.10 -3.50 34.39
N ASP E 72 -5.72 -2.94 33.35
CA ASP E 72 -7.18 -2.98 33.23
C ASP E 72 -7.71 -4.41 33.29
N ASN E 73 -6.97 -5.36 32.71
CA ASN E 73 -7.40 -6.75 32.70
C ASN E 73 -6.81 -7.53 33.86
N LYS E 74 -6.38 -6.80 34.88
CA LYS E 74 -5.80 -7.39 36.08
C LYS E 74 -4.60 -8.29 35.84
N LYS E 75 -3.80 -7.97 34.81
CA LYS E 75 -2.62 -8.75 34.50
C LYS E 75 -1.36 -7.95 34.79
N THR E 76 -0.28 -8.66 35.10
CA THR E 76 1.00 -8.03 35.40
C THR E 76 1.94 -8.12 34.20
N ARG E 77 1.67 -9.07 33.31
CA ARG E 77 2.49 -9.26 32.13
C ARG E 77 1.78 -8.81 30.84
N ILE E 78 2.44 -7.96 30.06
CA ILE E 78 1.87 -7.51 28.79
C ILE E 78 1.93 -8.65 27.74
N ILE E 79 0.80 -8.95 27.13
CA ILE E 79 0.76 -9.98 26.07
C ILE E 79 0.30 -9.30 24.78
N PRO E 80 0.32 -10.03 23.63
CA PRO E 80 -0.11 -9.41 22.36
C PRO E 80 -1.48 -8.73 22.43
N ARG E 81 -2.43 -9.37 23.10
CA ARG E 81 -3.78 -8.81 23.25
C ARG E 81 -3.70 -7.37 23.84
N HIS E 82 -2.81 -7.17 24.79
CA HIS E 82 -2.70 -5.84 25.39
C HIS E 82 -2.12 -4.84 24.39
N LEU E 83 -1.16 -5.30 23.59
CA LEU E 83 -0.59 -4.41 22.58
C LEU E 83 -1.68 -4.05 21.58
N GLN E 84 -2.51 -5.03 21.20
CA GLN E 84 -3.59 -4.74 20.24
C GLN E 84 -4.64 -3.80 20.84
N LEU E 85 -5.05 -4.07 22.08
CA LEU E 85 -6.03 -3.19 22.74
C LEU E 85 -5.52 -1.76 22.79
N ALA E 86 -4.25 -1.58 23.12
CA ALA E 86 -3.64 -0.24 23.20
C ALA E 86 -3.62 0.47 21.85
N VAL E 87 -3.14 -0.24 20.82
CA VAL E 87 -3.08 0.36 19.49
C VAL E 87 -4.43 0.72 18.91
N ARG E 88 -5.38 -0.21 18.96
CA ARG E 88 -6.69 0.04 18.37
C ARG E 88 -7.56 1.04 19.11
N ASN E 89 -7.36 1.20 20.41
CA ASN E 89 -8.16 2.18 21.16
C ASN E 89 -7.54 3.57 21.08
N ASP E 90 -6.39 3.68 20.43
CA ASP E 90 -5.68 4.95 20.33
C ASP E 90 -5.69 5.42 18.87
N GLU E 91 -6.39 6.52 18.62
CA GLU E 91 -6.53 7.04 17.25
C GLU E 91 -5.26 7.13 16.41
N GLU E 92 -4.22 7.76 16.92
CA GLU E 92 -3.00 7.91 16.14
C GLU E 92 -2.19 6.64 15.93
N LEU E 93 -2.07 5.81 16.97
CA LEU E 93 -1.34 4.55 16.82
C LEU E 93 -2.12 3.66 15.85
N ASN E 94 -3.44 3.69 15.95
CA ASN E 94 -4.29 2.89 15.08
C ASN E 94 -4.04 3.28 13.61
N LYS E 95 -3.88 4.57 13.35
CA LYS E 95 -3.62 5.05 12.01
C LYS E 95 -2.20 4.68 11.56
N LEU E 96 -1.22 4.86 12.45
CA LEU E 96 0.16 4.51 12.15
C LEU E 96 0.27 3.03 11.77
N LEU E 97 -0.48 2.20 12.50
CA LEU E 97 -0.48 0.74 12.27
C LEU E 97 -1.76 0.29 11.56
N GLY E 98 -2.32 1.13 10.70
CA GLY E 98 -3.55 0.80 10.01
C GLY E 98 -3.49 -0.43 9.10
N ARG E 99 -2.31 -0.76 8.63
CA ARG E 99 -2.14 -1.90 7.74
C ARG E 99 -1.23 -2.94 8.38
N VAL E 100 -1.29 -3.02 9.70
CA VAL E 100 -0.44 -3.97 10.41
C VAL E 100 -1.31 -4.95 11.16
N THR E 101 -0.90 -6.21 11.18
CA THR E 101 -1.65 -7.21 11.92
C THR E 101 -0.79 -7.67 13.09
N ILE E 102 -1.33 -7.55 14.30
CA ILE E 102 -0.61 -7.99 15.49
C ILE E 102 -1.04 -9.43 15.79
N ALA E 103 -0.14 -10.39 15.63
CA ALA E 103 -0.46 -11.80 15.89
C ALA E 103 -1.01 -12.00 17.31
N GLN E 104 -2.01 -12.87 17.43
CA GLN E 104 -2.66 -13.17 18.69
C GLN E 104 -3.23 -11.94 19.39
N GLY E 105 -3.64 -10.95 18.60
CA GLY E 105 -4.19 -9.74 19.17
C GLY E 105 -5.71 -9.71 19.25
N GLY E 106 -6.38 -10.57 18.48
CA GLY E 106 -7.84 -10.54 18.51
C GLY E 106 -8.33 -9.19 17.98
N VAL E 107 -9.54 -8.80 18.35
CA VAL E 107 -10.12 -7.54 17.88
C VAL E 107 -10.81 -6.82 19.04
N LEU E 108 -11.23 -5.59 18.81
CA LEU E 108 -11.92 -4.83 19.85
C LEU E 108 -13.38 -5.28 19.93
N PRO E 109 -13.93 -5.45 21.14
CA PRO E 109 -15.33 -5.87 21.22
C PRO E 109 -16.16 -4.77 20.56
N ASN E 110 -17.07 -5.14 19.67
CA ASN E 110 -17.87 -4.15 18.96
C ASN E 110 -19.02 -4.83 18.20
N ILE E 111 -20.24 -4.61 18.67
CA ILE E 111 -21.41 -5.18 18.06
C ILE E 111 -22.27 -4.05 17.46
N GLN E 112 -22.60 -4.09 16.19
CA GLN E 112 -23.45 -3.02 15.60
C GLN E 112 -24.82 -2.91 16.27
N SER E 113 -25.17 -1.66 16.62
CA SER E 113 -26.45 -1.37 17.28
C SER E 113 -27.65 -2.16 16.81
N VAL E 114 -27.91 -2.19 15.50
CA VAL E 114 -29.09 -2.90 14.98
C VAL E 114 -29.17 -4.38 15.30
N LEU E 115 -28.04 -4.97 15.69
CA LEU E 115 -28.00 -6.39 16.00
C LEU E 115 -28.47 -6.72 17.42
N LEU E 116 -28.53 -5.70 18.28
CA LEU E 116 -28.97 -5.90 19.66
C LEU E 116 -30.46 -6.25 19.74
N PRO E 117 -30.87 -6.94 20.80
CA PRO E 117 -32.26 -7.35 21.03
C PRO E 117 -33.24 -6.21 21.36
N LYS E 118 -34.50 -6.61 21.56
CA LYS E 118 -35.61 -5.71 21.90
C LYS E 118 -35.72 -4.41 21.12
N ASP F 22 35.83 -25.81 20.49
CA ASP F 22 36.64 -27.03 20.17
C ASP F 22 35.83 -28.11 19.47
N GLY F 23 36.51 -29.17 19.04
CA GLY F 23 35.86 -30.27 18.37
C GLY F 23 35.43 -29.97 16.94
N LYS F 24 34.68 -28.89 16.78
CA LYS F 24 34.18 -28.41 15.49
C LYS F 24 32.92 -27.65 15.87
N LYS F 25 33.07 -26.91 16.97
CA LYS F 25 32.02 -26.09 17.55
C LYS F 25 31.38 -25.28 16.46
N ARG F 26 30.25 -24.66 16.78
CA ARG F 26 29.69 -23.82 15.78
C ARG F 26 28.87 -22.67 16.22
N ARG F 27 29.58 -21.55 16.18
CA ARG F 27 29.12 -20.24 16.54
C ARG F 27 27.88 -19.82 15.79
N LYS F 28 26.72 -20.21 16.31
CA LYS F 28 25.49 -19.82 15.67
C LYS F 28 25.55 -18.30 15.57
N THR F 29 25.53 -17.79 14.34
CA THR F 29 25.59 -16.35 14.13
C THR F 29 24.55 -15.65 14.98
N ARG F 30 25.00 -14.71 15.81
CA ARG F 30 24.11 -13.99 16.71
C ARG F 30 23.08 -13.12 15.99
N LYS F 31 21.85 -13.16 16.51
CA LYS F 31 20.76 -12.37 15.95
C LYS F 31 20.41 -11.23 16.90
N GLU F 32 20.59 -10.00 16.44
CA GLU F 32 20.31 -8.83 17.25
C GLU F 32 18.83 -8.45 17.30
N SER F 33 18.44 -7.81 18.40
CA SER F 33 17.06 -7.36 18.57
C SER F 33 17.06 -6.17 19.50
N TYR F 34 15.95 -5.44 19.53
CA TYR F 34 15.82 -4.27 20.38
C TYR F 34 15.31 -4.65 21.75
N ALA F 35 15.18 -5.94 22.02
CA ALA F 35 14.65 -6.45 23.28
C ALA F 35 15.15 -5.79 24.57
N ILE F 36 16.46 -5.77 24.80
CA ILE F 36 16.99 -5.17 26.04
C ILE F 36 16.66 -3.67 26.15
N TYR F 37 16.62 -2.98 25.03
CA TYR F 37 16.30 -1.57 25.06
C TYR F 37 14.81 -1.38 25.30
N VAL F 38 14.00 -2.26 24.71
CA VAL F 38 12.56 -2.17 24.90
C VAL F 38 12.28 -2.42 26.39
N TYR F 39 12.97 -3.42 26.95
N TYR F 39 12.95 -3.43 26.96
CA TYR F 39 12.84 -3.76 28.36
CA TYR F 39 12.75 -3.76 28.37
C TYR F 39 13.10 -2.58 29.28
C TYR F 39 13.16 -2.64 29.33
N LYS F 40 14.13 -1.81 28.94
CA LYS F 40 14.54 -0.67 29.77
C LYS F 40 13.44 0.37 29.77
N VAL F 41 12.93 0.68 28.58
CA VAL F 41 11.85 1.66 28.47
C VAL F 41 10.61 1.20 29.20
N LEU F 42 10.31 -0.10 29.13
CA LEU F 42 9.13 -0.62 29.80
C LEU F 42 9.17 -0.35 31.31
N LYS F 43 10.32 -0.60 31.92
CA LYS F 43 10.48 -0.38 33.36
C LYS F 43 10.41 1.09 33.71
N GLN F 44 10.83 1.95 32.79
CA GLN F 44 10.75 3.39 33.06
C GLN F 44 9.27 3.79 33.15
N VAL F 45 8.44 3.23 32.28
CA VAL F 45 7.03 3.60 32.27
C VAL F 45 6.14 2.82 33.23
N HIS F 46 6.44 1.54 33.41
CA HIS F 46 5.67 0.67 34.30
C HIS F 46 6.65 -0.24 35.02
N PRO F 47 7.25 0.27 36.11
CA PRO F 47 8.24 -0.46 36.92
C PRO F 47 7.90 -1.90 37.32
N ASP F 48 6.64 -2.17 37.60
CA ASP F 48 6.27 -3.51 38.02
C ASP F 48 5.50 -4.34 36.98
N THR F 49 5.69 -4.03 35.70
CA THR F 49 5.00 -4.74 34.64
C THR F 49 6.01 -5.51 33.78
N GLY F 50 5.70 -6.77 33.48
CA GLY F 50 6.57 -7.57 32.63
C GLY F 50 6.03 -7.62 31.20
N ILE F 51 6.62 -8.47 30.35
CA ILE F 51 6.18 -8.60 28.96
C ILE F 51 6.55 -10.00 28.45
N SER F 52 5.57 -10.72 27.90
CA SER F 52 5.79 -12.07 27.39
C SER F 52 6.75 -12.05 26.20
N SER F 53 7.32 -13.20 25.86
CA SER F 53 8.23 -13.23 24.72
C SER F 53 7.51 -12.93 23.42
N LYS F 54 6.27 -13.39 23.30
CA LYS F 54 5.50 -13.13 22.07
C LYS F 54 5.26 -11.63 21.91
N ALA F 55 4.95 -10.94 23.01
CA ALA F 55 4.73 -9.50 22.95
C ALA F 55 6.03 -8.77 22.60
N MET F 56 7.15 -9.27 23.13
CA MET F 56 8.44 -8.66 22.84
C MET F 56 8.75 -8.83 21.35
N SER F 57 8.40 -9.98 20.79
CA SER F 57 8.64 -10.20 19.36
C SER F 57 7.82 -9.18 18.58
N ILE F 58 6.60 -8.91 19.05
CA ILE F 58 5.77 -7.91 18.39
C ILE F 58 6.40 -6.53 18.51
N MET F 59 6.97 -6.22 19.66
CA MET F 59 7.62 -4.91 19.87
C MET F 59 8.85 -4.81 18.99
N ASN F 60 9.58 -5.91 18.85
CA ASN F 60 10.76 -5.89 18.01
C ASN F 60 10.36 -5.64 16.55
N SER F 61 9.24 -6.24 16.13
CA SER F 61 8.76 -6.03 14.76
C SER F 61 8.34 -4.58 14.59
N PHE F 62 7.72 -4.02 15.63
CA PHE F 62 7.28 -2.63 15.57
C PHE F 62 8.45 -1.66 15.36
N VAL F 63 9.50 -1.80 16.17
CA VAL F 63 10.65 -0.90 16.05
C VAL F 63 11.32 -1.01 14.66
N ASN F 64 11.48 -2.23 14.16
CA ASN F 64 12.09 -2.43 12.82
C ASN F 64 11.21 -1.85 11.75
N ASP F 65 9.91 -2.03 11.88
CA ASP F 65 8.97 -1.52 10.90
C ASP F 65 9.07 0.01 10.82
N VAL F 66 8.96 0.68 11.97
CA VAL F 66 9.04 2.13 11.99
C VAL F 66 10.42 2.60 11.52
N PHE F 67 11.47 1.90 11.92
CA PHE F 67 12.81 2.25 11.47
C PHE F 67 12.83 2.27 9.92
N GLU F 68 12.39 1.17 9.31
CA GLU F 68 12.37 1.06 7.85
C GLU F 68 11.53 2.15 7.20
N ARG F 69 10.36 2.41 7.76
CA ARG F 69 9.51 3.44 7.19
C ARG F 69 10.14 4.82 7.28
N ILE F 70 10.64 5.21 8.44
CA ILE F 70 11.26 6.52 8.56
C ILE F 70 12.49 6.60 7.66
N ALA F 71 13.37 5.59 7.72
CA ALA F 71 14.57 5.59 6.89
C ALA F 71 14.22 5.67 5.40
N GLY F 72 13.20 4.92 5.00
CA GLY F 72 12.77 4.93 3.60
C GLY F 72 12.27 6.30 3.17
N GLU F 73 11.44 6.93 3.99
CA GLU F 73 10.94 8.27 3.66
C GLU F 73 12.11 9.23 3.59
N ALA F 74 13.07 9.08 4.51
CA ALA F 74 14.25 9.95 4.51
C ALA F 74 15.08 9.75 3.25
N SER F 75 15.23 8.49 2.85
CA SER F 75 15.99 8.15 1.65
C SER F 75 15.41 8.83 0.40
N ARG F 76 14.10 8.66 0.16
CA ARG F 76 13.43 9.27 -0.99
C ARG F 76 13.59 10.79 -0.93
N LEU F 77 13.29 11.34 0.25
CA LEU F 77 13.40 12.77 0.47
C LEU F 77 14.78 13.31 0.04
N ALA F 78 15.84 12.64 0.47
CA ALA F 78 17.19 13.07 0.11
C ALA F 78 17.31 13.02 -1.43
N HIS F 79 16.85 11.93 -2.02
CA HIS F 79 16.92 11.77 -3.47
C HIS F 79 16.15 12.84 -4.20
N TYR F 80 14.92 13.13 -3.76
CA TYR F 80 14.11 14.15 -4.41
C TYR F 80 14.82 15.49 -4.45
N ASN F 81 15.66 15.76 -3.44
CA ASN F 81 16.38 17.03 -3.38
C ASN F 81 17.83 16.92 -3.84
N LYS F 82 18.14 15.82 -4.52
CA LYS F 82 19.49 15.60 -5.04
C LYS F 82 20.59 15.73 -4.00
N ARG F 83 20.38 15.12 -2.84
CA ARG F 83 21.36 15.14 -1.77
C ARG F 83 21.81 13.71 -1.57
N SER F 84 23.04 13.52 -1.14
CA SER F 84 23.53 12.16 -0.93
C SER F 84 23.74 11.86 0.55
N THR F 85 23.24 12.75 1.40
CA THR F 85 23.39 12.58 2.84
C THR F 85 22.07 12.63 3.61
N ILE F 86 21.88 11.68 4.51
CA ILE F 86 20.68 11.69 5.33
C ILE F 86 21.10 12.32 6.66
N THR F 87 20.58 13.50 6.93
CA THR F 87 20.89 14.20 8.17
C THR F 87 19.66 14.21 9.08
N SER F 88 19.81 14.76 10.27
CA SER F 88 18.71 14.81 11.21
C SER F 88 17.55 15.58 10.60
N ARG F 89 17.86 16.49 9.69
CA ARG F 89 16.81 17.27 9.03
C ARG F 89 15.92 16.40 8.14
N GLU F 90 16.51 15.40 7.48
CA GLU F 90 15.75 14.48 6.63
C GLU F 90 14.90 13.61 7.55
N ILE F 91 15.50 13.13 8.64
CA ILE F 91 14.78 12.29 9.59
C ILE F 91 13.56 13.05 10.13
N GLN F 92 13.76 14.31 10.47
CA GLN F 92 12.69 15.13 11.01
C GLN F 92 11.54 15.28 10.01
N THR F 93 11.87 15.58 8.76
CA THR F 93 10.82 15.71 7.77
C THR F 93 10.11 14.37 7.55
N ALA F 94 10.89 13.28 7.53
CA ALA F 94 10.32 11.95 7.34
C ALA F 94 9.35 11.65 8.50
N VAL F 95 9.74 12.03 9.71
CA VAL F 95 8.88 11.81 10.86
C VAL F 95 7.54 12.58 10.72
N ARG F 96 7.61 13.81 10.23
N ARG F 96 7.62 13.81 10.22
CA ARG F 96 6.39 14.61 10.06
CA ARG F 96 6.43 14.63 10.04
C ARG F 96 5.48 14.03 8.98
C ARG F 96 5.49 14.06 8.97
N LEU F 97 6.07 13.47 7.94
CA LEU F 97 5.30 12.89 6.85
C LEU F 97 4.67 11.56 7.27
N LEU F 98 5.38 10.80 8.08
N LEU F 98 5.39 10.79 8.07
CA LEU F 98 4.90 9.49 8.54
CA LEU F 98 4.92 9.48 8.52
C LEU F 98 3.96 9.44 9.72
C LEU F 98 3.98 9.41 9.73
N LEU F 99 4.28 10.18 10.78
CA LEU F 99 3.45 10.15 11.98
C LEU F 99 2.19 11.03 12.05
N PRO F 100 1.09 10.50 12.57
CA PRO F 100 -0.12 11.32 12.67
C PRO F 100 0.04 12.41 13.73
N GLY F 101 -0.59 13.53 13.48
CA GLY F 101 -0.58 14.67 14.38
C GLY F 101 0.23 14.74 15.65
N GLU F 102 -0.41 14.42 16.76
CA GLU F 102 0.22 14.47 18.07
C GLU F 102 1.50 13.64 18.24
N LEU F 103 1.56 12.47 17.62
CA LEU F 103 2.74 11.62 17.73
C LEU F 103 3.93 12.31 17.07
N ALA F 104 3.70 12.93 15.91
CA ALA F 104 4.75 13.63 15.19
C ALA F 104 5.33 14.75 16.07
N LYS F 105 4.44 15.58 16.61
CA LYS F 105 4.85 16.69 17.46
C LYS F 105 5.75 16.25 18.60
N HIS F 106 5.38 15.19 19.30
CA HIS F 106 6.20 14.71 20.40
C HIS F 106 7.49 14.03 19.96
N ALA F 107 7.42 13.32 18.84
CA ALA F 107 8.59 12.64 18.31
C ALA F 107 9.64 13.69 17.93
N VAL F 108 9.17 14.76 17.27
CA VAL F 108 10.05 15.85 16.84
C VAL F 108 10.77 16.49 18.03
N SER F 109 10.06 16.68 19.13
CA SER F 109 10.66 17.28 20.33
C SER F 109 11.70 16.37 20.93
N GLU F 110 11.38 15.09 21.06
CA GLU F 110 12.34 14.14 21.59
C GLU F 110 13.56 14.09 20.69
N GLY F 111 13.32 14.04 19.37
CA GLY F 111 14.42 13.99 18.43
C GLY F 111 15.31 15.22 18.49
N THR F 112 14.68 16.39 18.42
CA THR F 112 15.41 17.65 18.47
C THR F 112 16.20 17.75 19.77
N LYS F 113 15.56 17.42 20.88
CA LYS F 113 16.20 17.48 22.18
C LYS F 113 17.43 16.58 22.24
N ALA F 114 17.28 15.36 21.73
CA ALA F 114 18.38 14.40 21.73
C ALA F 114 19.59 14.92 20.95
N VAL F 115 19.33 15.50 19.78
CA VAL F 115 20.39 16.04 18.93
C VAL F 115 21.07 17.24 19.58
N THR F 116 20.27 18.18 20.07
CA THR F 116 20.84 19.35 20.73
C THR F 116 21.70 18.95 21.93
N LYS F 117 21.27 17.93 22.67
CA LYS F 117 22.04 17.47 23.82
C LYS F 117 23.32 16.79 23.37
N TYR F 118 23.20 15.92 22.39
CA TYR F 118 24.34 15.20 21.86
C TYR F 118 25.43 16.13 21.34
N THR F 119 25.02 17.24 20.74
CA THR F 119 25.99 18.17 20.19
C THR F 119 26.61 19.11 21.23
N SER F 120 26.16 19.02 22.49
CA SER F 120 26.72 19.85 23.53
C SER F 120 27.59 18.95 24.38
N ALA F 121 27.86 17.74 23.89
CA ALA F 121 28.65 16.79 24.67
C ALA F 121 29.98 16.26 24.13
N LYS F 122 30.80 17.12 23.54
CA LYS F 122 32.11 16.71 23.02
C LYS F 122 32.94 17.88 22.48
N LYS G 37 -41.92 -28.86 28.20
CA LYS G 37 -41.71 -27.62 29.02
C LYS G 37 -40.32 -27.01 28.78
N PRO G 38 -39.37 -27.82 28.24
CA PRO G 38 -37.99 -27.52 27.89
C PRO G 38 -37.61 -26.10 27.51
N HIS G 39 -36.39 -25.80 27.91
CA HIS G 39 -35.87 -24.51 27.69
C HIS G 39 -35.21 -24.34 26.34
N ARG G 40 -35.35 -23.15 25.78
CA ARG G 40 -34.79 -22.86 24.47
C ARG G 40 -34.58 -21.37 24.29
N TYR G 41 -33.36 -20.99 23.95
CA TYR G 41 -33.06 -19.58 23.71
C TYR G 41 -33.61 -19.19 22.35
N ARG G 42 -34.03 -17.94 22.21
CA ARG G 42 -34.58 -17.46 20.95
C ARG G 42 -33.46 -17.32 19.91
N PRO G 43 -33.78 -17.48 18.61
CA PRO G 43 -32.77 -17.36 17.56
C PRO G 43 -32.11 -15.99 17.60
N GLY G 44 -30.79 -15.99 17.67
CA GLY G 44 -30.04 -14.74 17.73
C GLY G 44 -29.40 -14.53 19.08
N THR G 45 -30.00 -15.09 20.13
CA THR G 45 -29.49 -14.94 21.50
C THR G 45 -28.13 -15.60 21.68
N VAL G 46 -28.01 -16.85 21.25
CA VAL G 46 -26.76 -17.56 21.36
C VAL G 46 -25.74 -16.96 20.39
N ALA G 47 -26.22 -16.50 19.24
CA ALA G 47 -25.35 -15.89 18.23
C ALA G 47 -24.66 -14.68 18.86
N LEU G 48 -25.45 -13.84 19.52
CA LEU G 48 -24.90 -12.66 20.19
C LEU G 48 -23.93 -13.05 21.28
N ARG G 49 -24.22 -14.16 21.96
CA ARG G 49 -23.36 -14.64 23.03
C ARG G 49 -22.03 -15.07 22.44
N GLU G 50 -22.08 -15.71 21.25
CA GLU G 50 -20.87 -16.16 20.56
C GLU G 50 -20.04 -14.96 20.13
N ILE G 51 -20.70 -13.90 19.66
CA ILE G 51 -19.96 -12.72 19.24
C ILE G 51 -19.13 -12.19 20.40
N ARG G 52 -19.78 -12.02 21.56
N ARG G 52 -19.78 -12.03 21.56
CA ARG G 52 -19.09 -11.50 22.73
CA ARG G 52 -19.10 -11.51 22.74
C ARG G 52 -17.95 -12.42 23.14
C ARG G 52 -17.95 -12.42 23.14
N ARG G 53 -18.20 -13.72 23.10
CA ARG G 53 -17.18 -14.68 23.47
C ARG G 53 -15.94 -14.58 22.56
N TYR G 54 -16.15 -14.61 21.25
CA TYR G 54 -15.02 -14.57 20.32
C TYR G 54 -14.33 -13.22 20.17
N GLN G 55 -15.07 -12.13 20.41
CA GLN G 55 -14.44 -10.81 20.33
C GLN G 55 -13.56 -10.55 21.55
N LYS G 56 -13.75 -11.36 22.59
CA LYS G 56 -12.98 -11.24 23.82
C LYS G 56 -11.71 -12.07 23.81
N SER G 57 -11.69 -13.12 23.00
CA SER G 57 -10.52 -13.99 22.94
C SER G 57 -9.63 -13.74 21.72
N THR G 58 -8.48 -14.40 21.69
CA THR G 58 -7.56 -14.21 20.58
C THR G 58 -7.10 -15.52 19.93
N GLU G 59 -7.52 -16.66 20.45
CA GLU G 59 -7.09 -17.92 19.86
C GLU G 59 -7.55 -18.10 18.40
N LEU G 60 -6.73 -18.79 17.62
CA LEU G 60 -7.09 -19.08 16.24
C LEU G 60 -8.38 -19.88 16.24
N LEU G 61 -9.22 -19.63 15.24
CA LEU G 61 -10.52 -20.28 15.15
C LEU G 61 -10.64 -21.43 14.15
N ILE G 62 -9.66 -21.56 13.26
CA ILE G 62 -9.67 -22.65 12.30
C ILE G 62 -8.82 -23.78 12.86
N ARG G 63 -9.29 -25.03 12.74
CA ARG G 63 -8.52 -26.19 13.20
C ARG G 63 -7.11 -26.13 12.57
N LYS G 64 -6.08 -26.33 13.41
N LYS G 64 -6.12 -26.36 13.40
CA LYS G 64 -4.70 -26.26 12.94
CA LYS G 64 -4.72 -26.29 12.99
C LYS G 64 -4.26 -27.27 11.85
C LYS G 64 -4.29 -27.24 11.87
N LEU G 65 -4.49 -28.56 12.08
CA LEU G 65 -4.08 -29.55 11.09
C LEU G 65 -4.77 -29.33 9.74
N PRO G 66 -6.11 -29.19 9.73
CA PRO G 66 -6.76 -28.97 8.43
C PRO G 66 -6.17 -27.75 7.70
N PHE G 67 -5.91 -26.66 8.43
CA PHE G 67 -5.34 -25.48 7.78
C PHE G 67 -3.97 -25.81 7.18
N GLN G 68 -3.15 -26.53 7.94
CA GLN G 68 -1.82 -26.93 7.44
C GLN G 68 -1.87 -27.71 6.11
N ARG G 69 -2.84 -28.62 5.98
CA ARG G 69 -2.98 -29.40 4.75
C ARG G 69 -3.34 -28.51 3.59
N LEU G 70 -4.24 -27.58 3.86
CA LEU G 70 -4.69 -26.64 2.85
C LEU G 70 -3.48 -25.91 2.32
N VAL G 71 -2.65 -25.40 3.24
CA VAL G 71 -1.44 -24.68 2.88
C VAL G 71 -0.50 -25.58 2.06
N ARG G 72 -0.27 -26.80 2.53
CA ARG G 72 0.60 -27.74 1.81
C ARG G 72 0.03 -28.09 0.44
N GLU G 73 -1.28 -28.26 0.35
CA GLU G 73 -1.91 -28.60 -0.93
C GLU G 73 -1.71 -27.45 -1.92
N ILE G 74 -2.01 -26.22 -1.49
CA ILE G 74 -1.85 -25.07 -2.37
C ILE G 74 -0.40 -24.85 -2.76
N ALA G 75 0.52 -24.95 -1.80
CA ALA G 75 1.93 -24.74 -2.08
C ALA G 75 2.45 -25.77 -3.09
N GLN G 76 2.01 -27.01 -2.91
CA GLN G 76 2.40 -28.13 -3.76
C GLN G 76 2.02 -27.89 -5.21
N ASP G 77 0.86 -27.29 -5.44
CA ASP G 77 0.42 -27.02 -6.80
C ASP G 77 1.32 -25.98 -7.46
N PHE G 78 1.93 -25.13 -6.64
N PHE G 78 1.94 -25.14 -6.64
CA PHE G 78 2.84 -24.11 -7.15
CA PHE G 78 2.83 -24.11 -7.15
C PHE G 78 4.23 -24.68 -7.36
C PHE G 78 4.24 -24.66 -7.34
N LYS G 79 4.69 -25.46 -6.38
CA LYS G 79 6.03 -26.04 -6.45
C LYS G 79 6.09 -27.30 -5.59
N THR G 80 6.52 -28.41 -6.19
CA THR G 80 6.60 -29.70 -5.49
C THR G 80 7.83 -29.78 -4.60
N ASP G 81 7.82 -30.74 -3.68
CA ASP G 81 8.95 -30.99 -2.79
C ASP G 81 9.31 -29.86 -1.83
N LEU G 82 8.32 -29.07 -1.41
CA LEU G 82 8.57 -27.99 -0.47
C LEU G 82 8.38 -28.43 0.97
N ARG G 83 9.18 -27.88 1.86
CA ARG G 83 9.07 -28.15 3.30
C ARG G 83 8.58 -26.81 3.91
N PHE G 84 8.07 -26.86 5.14
CA PHE G 84 7.58 -25.66 5.81
C PHE G 84 8.04 -25.61 7.27
N GLN G 85 8.54 -24.47 7.71
CA GLN G 85 8.91 -24.32 9.12
C GLN G 85 7.53 -24.25 9.80
N SER G 86 7.40 -24.77 11.00
CA SER G 86 6.10 -24.73 11.65
C SER G 86 5.62 -23.28 11.85
N SER G 87 6.54 -22.35 12.07
CA SER G 87 6.17 -20.95 12.26
C SER G 87 5.69 -20.31 10.95
N ALA G 88 6.10 -20.86 9.80
CA ALA G 88 5.64 -20.31 8.53
C ALA G 88 4.15 -20.59 8.40
N VAL G 89 3.74 -21.79 8.81
CA VAL G 89 2.33 -22.14 8.73
C VAL G 89 1.49 -21.31 9.70
N MET G 90 2.03 -21.05 10.90
N MET G 90 2.01 -21.08 10.90
CA MET G 90 1.32 -20.27 11.91
CA MET G 90 1.28 -20.27 11.88
C MET G 90 1.17 -18.83 11.46
C MET G 90 1.14 -18.84 11.38
N ALA G 91 2.20 -18.30 10.79
CA ALA G 91 2.18 -16.93 10.27
C ALA G 91 1.07 -16.83 9.22
N LEU G 92 0.99 -17.84 8.33
CA LEU G 92 -0.06 -17.86 7.33
C LEU G 92 -1.44 -17.93 7.97
N GLN G 93 -1.58 -18.73 9.03
CA GLN G 93 -2.88 -18.85 9.69
C GLN G 93 -3.28 -17.57 10.42
N GLU G 94 -2.35 -16.93 11.12
CA GLU G 94 -2.66 -15.67 11.82
C GLU G 94 -3.06 -14.63 10.77
N ALA G 95 -2.33 -14.58 9.67
CA ALA G 95 -2.66 -13.60 8.61
C ALA G 95 -4.00 -13.92 7.95
N SER G 96 -4.24 -15.20 7.69
CA SER G 96 -5.49 -15.60 7.04
C SER G 96 -6.71 -15.29 7.89
N GLU G 97 -6.63 -15.59 9.18
CA GLU G 97 -7.77 -15.34 10.07
C GLU G 97 -8.04 -13.86 10.26
N ALA G 98 -6.97 -13.05 10.33
CA ALA G 98 -7.12 -11.61 10.51
C ALA G 98 -7.80 -11.05 9.25
N TYR G 99 -7.36 -11.52 8.09
CA TYR G 99 -7.95 -11.08 6.83
C TYR G 99 -9.45 -11.42 6.78
N LEU G 100 -9.80 -12.65 7.12
CA LEU G 100 -11.22 -13.07 7.07
C LEU G 100 -12.11 -12.34 8.10
N VAL G 101 -11.61 -12.18 9.32
CA VAL G 101 -12.36 -11.47 10.36
C VAL G 101 -12.68 -10.03 9.91
N ALA G 102 -11.68 -9.33 9.40
CA ALA G 102 -11.86 -7.95 8.95
C ALA G 102 -12.79 -7.93 7.74
N LEU G 103 -12.71 -8.96 6.90
CA LEU G 103 -13.60 -9.00 5.75
C LEU G 103 -15.04 -9.21 6.22
N PHE G 104 -15.23 -10.04 7.24
CA PHE G 104 -16.59 -10.28 7.76
C PHE G 104 -17.16 -9.01 8.39
N GLU G 105 -16.29 -8.17 8.95
CA GLU G 105 -16.78 -6.90 9.53
C GLU G 105 -17.33 -6.04 8.38
N ASP G 106 -16.55 -5.91 7.30
CA ASP G 106 -16.98 -5.12 6.12
C ASP G 106 -18.27 -5.69 5.48
N THR G 107 -18.34 -7.01 5.43
CA THR G 107 -19.49 -7.73 4.87
C THR G 107 -20.74 -7.44 5.70
N ASN G 108 -20.59 -7.51 7.02
CA ASN G 108 -21.69 -7.22 7.94
C ASN G 108 -22.20 -5.80 7.66
N LEU G 109 -21.27 -4.86 7.46
CA LEU G 109 -21.68 -3.48 7.16
C LEU G 109 -22.51 -3.40 5.86
N CYS G 110 -22.12 -4.16 4.84
CA CYS G 110 -22.88 -4.15 3.58
C CYS G 110 -24.27 -4.76 3.77
N ALA G 111 -24.37 -5.80 4.59
CA ALA G 111 -25.67 -6.42 4.83
C ALA G 111 -26.57 -5.42 5.57
N ILE G 112 -26.04 -4.82 6.63
CA ILE G 112 -26.77 -3.83 7.41
C ILE G 112 -27.21 -2.67 6.51
N HIS G 113 -26.36 -2.32 5.55
CA HIS G 113 -26.64 -1.23 4.62
C HIS G 113 -27.89 -1.54 3.79
N ALA G 114 -28.07 -2.81 3.48
CA ALA G 114 -29.22 -3.25 2.69
C ALA G 114 -30.41 -3.57 3.60
N LYS G 115 -30.34 -3.13 4.86
CA LYS G 115 -31.42 -3.37 5.81
C LYS G 115 -31.61 -4.84 6.16
N ARG G 116 -30.51 -5.59 6.17
CA ARG G 116 -30.56 -7.01 6.53
C ARG G 116 -29.64 -7.23 7.74
N VAL G 117 -29.74 -8.38 8.38
CA VAL G 117 -28.89 -8.71 9.52
C VAL G 117 -28.18 -10.02 9.16
N THR G 118 -28.48 -10.53 7.98
CA THR G 118 -27.92 -11.78 7.47
C THR G 118 -26.91 -11.46 6.38
N ILE G 119 -25.67 -11.92 6.50
CA ILE G 119 -24.70 -11.66 5.45
C ILE G 119 -24.89 -12.67 4.33
N MET G 120 -24.75 -12.21 3.09
CA MET G 120 -24.91 -13.05 1.91
C MET G 120 -23.73 -12.85 0.95
N PRO G 121 -23.54 -13.81 0.01
CA PRO G 121 -22.43 -13.70 -0.95
C PRO G 121 -22.24 -12.32 -1.56
N LYS G 122 -23.34 -11.68 -1.94
CA LYS G 122 -23.23 -10.35 -2.55
C LYS G 122 -22.64 -9.29 -1.58
N ASP G 123 -22.80 -9.48 -0.28
CA ASP G 123 -22.25 -8.52 0.68
C ASP G 123 -20.72 -8.68 0.62
N ILE G 124 -20.25 -9.92 0.60
CA ILE G 124 -18.82 -10.19 0.51
C ILE G 124 -18.28 -9.65 -0.80
N GLN G 125 -19.04 -9.87 -1.88
CA GLN G 125 -18.65 -9.40 -3.21
C GLN G 125 -18.59 -7.87 -3.26
N LEU G 126 -19.55 -7.19 -2.65
CA LEU G 126 -19.52 -5.74 -2.67
C LEU G 126 -18.31 -5.24 -1.88
N ALA G 127 -18.08 -5.84 -0.71
CA ALA G 127 -16.97 -5.43 0.14
C ALA G 127 -15.63 -5.61 -0.57
N ARG G 128 -15.44 -6.75 -1.23
CA ARG G 128 -14.17 -6.97 -1.93
C ARG G 128 -14.00 -6.05 -3.13
N ARG G 129 -15.10 -5.73 -3.79
N ARG G 129 -15.10 -5.73 -3.80
CA ARG G 129 -15.04 -4.84 -4.94
CA ARG G 129 -15.03 -4.85 -4.95
C ARG G 129 -14.64 -3.43 -4.51
C ARG G 129 -14.62 -3.44 -4.49
N ILE G 130 -15.25 -2.95 -3.43
CA ILE G 130 -14.92 -1.62 -2.93
C ILE G 130 -13.48 -1.57 -2.42
N ARG G 131 -13.02 -2.68 -1.84
CA ARG G 131 -11.64 -2.76 -1.33
C ARG G 131 -10.63 -2.80 -2.46
N GLY G 132 -11.10 -3.03 -3.68
CA GLY G 132 -10.20 -3.09 -4.81
C GLY G 132 -9.52 -4.44 -4.97
N GLU G 133 -10.06 -5.50 -4.37
CA GLU G 133 -9.48 -6.82 -4.54
C GLU G 133 -10.04 -7.40 -5.82
N ARG G 134 -11.28 -7.03 -6.10
CA ARG G 134 -11.97 -7.51 -7.28
C ARG G 134 -12.07 -6.55 -8.45
N ALA G 135 -12.52 -5.31 -8.20
CA ALA G 135 -12.64 -4.40 -9.33
C ALA G 135 -12.50 -2.87 -9.24
N ALA H 15 14.35 -42.85 -4.39
CA ALA H 15 13.52 -41.81 -3.72
C ALA H 15 12.81 -42.41 -2.50
N LYS H 16 12.50 -41.57 -1.53
CA LYS H 16 11.80 -42.05 -0.34
C LYS H 16 10.39 -42.49 -0.76
N ARG H 17 9.56 -42.87 0.22
CA ARG H 17 8.22 -43.35 -0.12
C ARG H 17 7.06 -42.36 -0.21
N HIS H 18 5.88 -42.94 -0.01
CA HIS H 18 4.54 -42.34 -0.07
C HIS H 18 4.06 -41.12 0.70
N ARG H 19 3.78 -40.04 -0.03
CA ARG H 19 3.23 -38.86 0.60
C ARG H 19 1.82 -38.76 0.03
N LYS H 20 0.86 -39.37 0.73
CA LYS H 20 -0.53 -39.39 0.28
C LYS H 20 -1.03 -38.13 -0.42
N VAL H 21 -1.59 -38.33 -1.60
CA VAL H 21 -2.11 -37.24 -2.41
C VAL H 21 -2.97 -36.27 -1.60
N LEU H 22 -2.64 -35.00 -1.68
CA LEU H 22 -3.41 -33.97 -0.98
C LEU H 22 -4.50 -33.48 -1.91
N ARG H 23 -5.75 -33.57 -1.46
CA ARG H 23 -6.86 -33.11 -2.28
C ARG H 23 -8.07 -32.66 -1.47
N ASP H 24 -8.77 -31.67 -2.00
CA ASP H 24 -9.99 -31.16 -1.40
C ASP H 24 -9.85 -30.65 0.04
N ASN H 25 -8.65 -30.24 0.41
CA ASN H 25 -8.44 -29.74 1.76
C ASN H 25 -9.14 -28.43 2.10
N ILE H 26 -9.68 -27.75 1.10
CA ILE H 26 -10.40 -26.50 1.36
C ILE H 26 -11.61 -26.83 2.24
N GLN H 27 -12.13 -28.05 2.12
CA GLN H 27 -13.28 -28.48 2.91
C GLN H 27 -12.90 -28.67 4.39
N GLY H 28 -11.60 -28.60 4.67
CA GLY H 28 -11.13 -28.70 6.04
C GLY H 28 -11.50 -27.42 6.79
N ILE H 29 -11.82 -26.39 6.02
CA ILE H 29 -12.23 -25.12 6.60
C ILE H 29 -13.75 -25.31 6.76
N THR H 30 -14.12 -25.88 7.90
CA THR H 30 -15.51 -26.20 8.19
C THR H 30 -16.47 -25.04 8.42
N LYS H 31 -17.75 -25.37 8.36
CA LYS H 31 -18.83 -24.43 8.59
C LYS H 31 -18.70 -23.81 10.00
N PRO H 32 -18.47 -24.63 11.04
CA PRO H 32 -18.33 -24.10 12.40
C PRO H 32 -17.14 -23.13 12.49
N ALA H 33 -16.05 -23.47 11.80
CA ALA H 33 -14.88 -22.60 11.81
C ALA H 33 -15.21 -21.25 11.16
N ILE H 34 -15.94 -21.29 10.05
CA ILE H 34 -16.30 -20.06 9.36
C ILE H 34 -17.27 -19.24 10.22
N ARG H 35 -18.17 -19.93 10.90
N ARG H 35 -18.19 -19.91 10.90
CA ARG H 35 -19.15 -19.30 11.80
CA ARG H 35 -19.15 -19.24 11.78
C ARG H 35 -18.37 -18.54 12.86
C ARG H 35 -18.38 -18.52 12.88
N ARG H 36 -17.41 -19.21 13.48
CA ARG H 36 -16.59 -18.60 14.52
C ARG H 36 -15.91 -17.31 14.03
N LEU H 37 -15.28 -17.38 12.86
CA LEU H 37 -14.61 -16.23 12.28
C LEU H 37 -15.60 -15.07 12.07
N ALA H 38 -16.81 -15.41 11.60
CA ALA H 38 -17.82 -14.39 11.38
C ALA H 38 -18.25 -13.74 12.71
N ARG H 39 -18.35 -14.56 13.76
CA ARG H 39 -18.72 -14.06 15.09
C ARG H 39 -17.65 -13.06 15.57
N ARG H 40 -16.38 -13.42 15.44
CA ARG H 40 -15.33 -12.48 15.85
C ARG H 40 -15.46 -11.19 15.05
N GLY H 41 -16.00 -11.34 13.82
CA GLY H 41 -16.20 -10.20 12.94
C GLY H 41 -17.50 -9.45 13.22
N GLY H 42 -18.21 -9.86 14.26
CA GLY H 42 -19.45 -9.19 14.66
C GLY H 42 -20.70 -9.62 13.92
N VAL H 43 -20.63 -10.73 13.18
CA VAL H 43 -21.77 -11.24 12.42
C VAL H 43 -22.73 -12.05 13.25
N LYS H 44 -24.01 -11.71 13.15
CA LYS H 44 -25.05 -12.38 13.91
C LYS H 44 -25.85 -13.46 13.19
N ARG H 45 -26.04 -13.29 11.88
CA ARG H 45 -26.82 -14.26 11.10
C ARG H 45 -26.07 -14.53 9.79
N ILE H 46 -26.07 -15.78 9.35
CA ILE H 46 -25.33 -16.18 8.15
C ILE H 46 -26.08 -17.03 7.13
N SER H 47 -26.06 -16.59 5.88
CA SER H 47 -26.71 -17.30 4.78
C SER H 47 -25.99 -18.61 4.47
N GLY H 48 -26.77 -19.62 4.08
CA GLY H 48 -26.20 -20.93 3.77
C GLY H 48 -25.12 -20.91 2.68
N LEU H 49 -25.19 -19.98 1.75
CA LEU H 49 -24.20 -19.89 0.68
C LEU H 49 -22.87 -19.23 1.09
N ILE H 50 -22.82 -18.67 2.29
CA ILE H 50 -21.61 -17.99 2.75
C ILE H 50 -20.40 -18.88 2.88
N TYR H 51 -20.61 -20.11 3.34
CA TYR H 51 -19.50 -21.03 3.54
C TYR H 51 -18.68 -21.31 2.30
N GLU H 52 -19.34 -21.59 1.17
CA GLU H 52 -18.57 -21.85 -0.05
C GLU H 52 -17.94 -20.56 -0.57
N GLU H 53 -18.65 -19.45 -0.43
CA GLU H 53 -18.11 -18.20 -0.89
C GLU H 53 -16.82 -17.89 -0.08
N THR H 54 -16.87 -18.12 1.22
CA THR H 54 -15.71 -17.84 2.09
C THR H 54 -14.55 -18.75 1.75
N ARG H 55 -14.84 -20.01 1.45
CA ARG H 55 -13.77 -20.92 1.09
C ARG H 55 -13.06 -20.42 -0.15
N GLY H 56 -13.82 -19.94 -1.13
CA GLY H 56 -13.22 -19.44 -2.35
C GLY H 56 -12.37 -18.22 -2.10
N VAL H 57 -12.81 -17.36 -1.20
CA VAL H 57 -12.05 -16.15 -0.87
C VAL H 57 -10.74 -16.49 -0.14
N LEU H 58 -10.79 -17.44 0.80
CA LEU H 58 -9.58 -17.83 1.51
C LEU H 58 -8.56 -18.47 0.55
N LYS H 59 -9.07 -19.29 -0.37
CA LYS H 59 -8.21 -19.94 -1.35
C LYS H 59 -7.46 -18.89 -2.16
N VAL H 60 -8.15 -17.84 -2.59
CA VAL H 60 -7.48 -16.79 -3.36
C VAL H 60 -6.45 -16.08 -2.50
N PHE H 61 -6.84 -15.71 -1.29
CA PHE H 61 -5.90 -15.06 -0.38
C PHE H 61 -4.64 -15.91 -0.19
N LEU H 62 -4.83 -17.18 0.17
CA LEU H 62 -3.68 -18.08 0.37
C LEU H 62 -2.84 -18.30 -0.90
N GLU H 63 -3.49 -18.50 -2.04
CA GLU H 63 -2.74 -18.70 -3.28
C GLU H 63 -1.80 -17.52 -3.52
N ASN H 64 -2.33 -16.31 -3.37
CA ASN H 64 -1.54 -15.11 -3.58
C ASN H 64 -0.37 -14.99 -2.61
N VAL H 65 -0.62 -15.18 -1.32
CA VAL H 65 0.47 -15.06 -0.35
C VAL H 65 1.50 -16.19 -0.54
N ILE H 66 1.02 -17.42 -0.65
CA ILE H 66 1.94 -18.58 -0.83
C ILE H 66 2.79 -18.47 -2.09
N ARG H 67 2.19 -17.99 -3.19
CA ARG H 67 2.95 -17.82 -4.42
C ARG H 67 4.15 -16.91 -4.17
N ASP H 68 3.92 -15.77 -3.53
CA ASP H 68 5.02 -14.85 -3.25
C ASP H 68 6.00 -15.45 -2.25
N ALA H 69 5.50 -16.07 -1.20
CA ALA H 69 6.40 -16.67 -0.21
C ALA H 69 7.31 -17.72 -0.88
N VAL H 70 6.75 -18.54 -1.74
CA VAL H 70 7.55 -19.55 -2.42
C VAL H 70 8.54 -18.92 -3.40
N THR H 71 8.16 -17.79 -3.98
CA THR H 71 9.06 -17.11 -4.89
C THR H 71 10.31 -16.68 -4.10
N TYR H 72 10.11 -16.23 -2.86
CA TYR H 72 11.24 -15.83 -2.01
C TYR H 72 12.08 -17.06 -1.67
N THR H 73 11.40 -18.17 -1.38
CA THR H 73 12.09 -19.41 -1.03
C THR H 73 13.03 -19.82 -2.18
N GLU H 74 12.48 -19.98 -3.37
CA GLU H 74 13.25 -20.36 -4.53
C GLU H 74 14.41 -19.41 -4.83
N HIS H 75 14.19 -18.11 -4.67
CA HIS H 75 15.24 -17.15 -4.94
C HIS H 75 16.42 -17.38 -4.02
N ALA H 76 16.13 -17.82 -2.80
CA ALA H 76 17.16 -18.08 -1.81
C ALA H 76 17.73 -19.49 -1.99
N LYS H 77 17.24 -20.18 -3.02
CA LYS H 77 17.70 -21.55 -3.31
C LYS H 77 17.46 -22.51 -2.16
N ARG H 78 16.37 -22.31 -1.43
CA ARG H 78 16.03 -23.19 -0.32
C ARG H 78 14.87 -24.05 -0.77
N LYS H 79 14.58 -25.10 -0.01
CA LYS H 79 13.46 -25.98 -0.33
C LYS H 79 12.45 -25.88 0.82
N THR H 80 12.80 -25.08 1.82
CA THR H 80 11.96 -24.90 2.99
C THR H 80 11.43 -23.48 3.11
N VAL H 81 10.10 -23.35 3.13
CA VAL H 81 9.46 -22.04 3.25
C VAL H 81 9.61 -21.58 4.71
N THR H 82 10.25 -20.43 4.91
CA THR H 82 10.47 -19.90 6.25
C THR H 82 9.40 -18.90 6.70
N ALA H 83 9.36 -18.63 8.00
CA ALA H 83 8.40 -17.68 8.54
C ALA H 83 8.72 -16.33 7.88
N MET H 84 10.01 -16.08 7.63
CA MET H 84 10.40 -14.82 6.99
C MET H 84 9.90 -14.72 5.55
N ASP H 85 9.89 -15.85 4.84
CA ASP H 85 9.38 -15.84 3.46
C ASP H 85 7.91 -15.36 3.50
N VAL H 86 7.15 -15.88 4.46
CA VAL H 86 5.73 -15.50 4.61
C VAL H 86 5.59 -14.03 5.01
N VAL H 87 6.34 -13.60 6.03
CA VAL H 87 6.32 -12.22 6.49
C VAL H 87 6.65 -11.25 5.36
N TYR H 88 7.67 -11.56 4.56
CA TYR H 88 8.03 -10.69 3.43
C TYR H 88 6.91 -10.69 2.39
N ALA H 89 6.33 -11.85 2.14
CA ALA H 89 5.25 -11.93 1.17
C ALA H 89 4.06 -11.09 1.65
N LEU H 90 3.71 -11.21 2.92
CA LEU H 90 2.59 -10.42 3.45
C LEU H 90 2.88 -8.92 3.34
N LYS H 91 4.10 -8.50 3.66
CA LYS H 91 4.43 -7.10 3.59
C LYS H 91 4.23 -6.57 2.17
N ARG H 92 4.71 -7.35 1.19
CA ARG H 92 4.60 -7.01 -0.23
C ARG H 92 3.17 -6.69 -0.61
N GLN H 93 2.25 -7.46 -0.07
CA GLN H 93 0.84 -7.28 -0.38
C GLN H 93 0.14 -6.32 0.55
N GLY H 94 0.91 -5.48 1.23
CA GLY H 94 0.29 -4.52 2.12
C GLY H 94 -0.44 -5.11 3.31
N ARG H 95 0.02 -6.24 3.80
N ARG H 95 0.03 -6.25 3.79
CA ARG H 95 -0.59 -6.87 4.96
CA ARG H 95 -0.58 -6.90 4.95
C ARG H 95 0.45 -7.26 5.99
C ARG H 95 0.48 -7.27 5.99
N THR H 96 1.26 -6.28 6.37
CA THR H 96 2.33 -6.47 7.33
C THR H 96 1.89 -7.23 8.55
N LEU H 97 2.68 -8.23 8.92
CA LEU H 97 2.38 -9.05 10.08
C LEU H 97 3.47 -8.91 11.14
N TYR H 98 3.08 -8.69 12.39
CA TYR H 98 4.05 -8.58 13.50
C TYR H 98 4.01 -9.84 14.34
N GLY H 99 5.14 -10.22 14.92
CA GLY H 99 5.17 -11.39 15.77
C GLY H 99 5.91 -12.61 15.28
N PHE H 100 6.44 -12.58 14.06
CA PHE H 100 7.15 -13.74 13.54
C PHE H 100 8.51 -13.42 12.95
N GLY H 101 9.18 -12.38 13.48
CA GLY H 101 10.48 -12.00 12.98
C GLY H 101 10.39 -10.84 12.01
N GLY H 102 11.53 -10.27 11.68
CA GLY H 102 11.54 -9.16 10.76
C GLY H 102 11.28 -7.82 11.41
N LYS I 13 34.97 2.53 -32.74
CA LYS I 13 35.66 2.19 -31.46
C LYS I 13 34.67 1.60 -30.45
N ALA I 14 34.46 2.33 -29.36
CA ALA I 14 33.56 1.89 -28.30
C ALA I 14 32.14 1.68 -28.83
N LYS I 15 31.42 0.76 -28.19
CA LYS I 15 30.05 0.45 -28.60
C LYS I 15 29.12 0.57 -27.39
N THR I 16 27.96 1.18 -27.58
CA THR I 16 26.99 1.34 -26.50
C THR I 16 26.49 -0.03 -26.04
N ARG I 17 26.40 -0.21 -24.72
CA ARG I 17 25.92 -1.47 -24.17
C ARG I 17 24.54 -1.81 -24.72
N SER I 18 23.74 -0.79 -24.97
CA SER I 18 22.39 -0.98 -25.51
C SER I 18 22.47 -1.73 -26.84
N SER I 19 23.34 -1.27 -27.73
CA SER I 19 23.50 -1.90 -29.04
C SER I 19 23.93 -3.35 -28.89
N ARG I 20 24.82 -3.62 -27.94
CA ARG I 20 25.28 -4.99 -27.72
C ARG I 20 24.12 -5.91 -27.35
N ALA I 21 23.26 -5.42 -26.46
CA ALA I 21 22.11 -6.18 -25.99
C ALA I 21 20.98 -6.15 -27.00
N GLY I 22 21.13 -5.32 -28.03
CA GLY I 22 20.11 -5.20 -29.06
C GLY I 22 18.87 -4.52 -28.51
N LEU I 23 19.06 -3.42 -27.77
CA LEU I 23 17.95 -2.70 -27.18
C LEU I 23 17.93 -1.23 -27.56
N GLN I 24 16.76 -0.61 -27.45
CA GLN I 24 16.60 0.80 -27.72
C GLN I 24 16.83 1.58 -26.43
N PHE I 25 16.42 1.00 -25.31
CA PHE I 25 16.59 1.64 -24.01
C PHE I 25 18.05 1.69 -23.59
N PRO I 26 18.47 2.80 -22.97
CA PRO I 26 19.84 3.07 -22.49
C PRO I 26 20.34 2.25 -21.30
N VAL I 27 21.07 1.19 -21.60
CA VAL I 27 21.64 0.34 -20.57
C VAL I 27 22.57 1.16 -19.67
N GLY I 28 23.40 2.00 -20.28
CA GLY I 28 24.33 2.80 -19.52
C GLY I 28 23.60 3.69 -18.51
N ARG I 29 22.49 4.28 -18.93
CA ARG I 29 21.71 5.14 -18.05
C ARG I 29 21.08 4.35 -16.93
N VAL I 30 20.48 3.21 -17.26
CA VAL I 30 19.83 2.35 -16.27
C VAL I 30 20.84 1.95 -15.19
N HIS I 31 22.05 1.64 -15.61
CA HIS I 31 23.12 1.24 -14.70
C HIS I 31 23.41 2.37 -13.72
N ARG I 32 23.58 3.57 -14.28
CA ARG I 32 23.87 4.75 -13.48
C ARG I 32 22.75 5.02 -12.48
N LEU I 33 21.51 4.91 -12.94
CA LEU I 33 20.36 5.16 -12.06
C LEU I 33 20.27 4.12 -10.94
N LEU I 34 20.70 2.90 -11.20
CA LEU I 34 20.63 1.87 -10.17
C LEU I 34 21.45 2.19 -8.92
N ARG I 35 22.66 2.69 -9.09
CA ARG I 35 23.50 3.02 -7.93
C ARG I 35 23.10 4.32 -7.28
N LYS I 36 22.97 5.36 -8.10
CA LYS I 36 22.60 6.66 -7.57
C LYS I 36 21.29 6.55 -6.80
N GLY I 37 20.49 5.53 -7.13
CA GLY I 37 19.23 5.33 -6.44
C GLY I 37 19.43 4.63 -5.11
N ASN I 38 20.66 4.22 -4.84
CA ASN I 38 20.99 3.53 -3.59
C ASN I 38 20.22 2.22 -3.40
N TYR I 39 20.18 1.39 -4.42
CA TYR I 39 19.46 0.12 -4.32
C TYR I 39 20.33 -0.99 -3.72
N ALA I 40 21.64 -0.86 -3.91
CA ALA I 40 22.60 -1.82 -3.39
C ALA I 40 24.02 -1.29 -3.54
N GLU I 41 24.95 -1.88 -2.81
CA GLU I 41 26.34 -1.45 -2.90
C GLU I 41 26.92 -1.69 -4.28
N ARG I 42 26.70 -2.88 -4.81
CA ARG I 42 27.21 -3.25 -6.13
C ARG I 42 26.12 -3.62 -7.11
N VAL I 43 26.42 -3.53 -8.39
CA VAL I 43 25.47 -3.87 -9.44
C VAL I 43 26.10 -4.76 -10.49
N GLY I 44 25.57 -5.98 -10.60
CA GLY I 44 26.08 -6.93 -11.57
C GLY I 44 25.92 -6.37 -12.98
N ALA I 45 26.83 -6.78 -13.87
CA ALA I 45 26.84 -6.32 -15.25
C ALA I 45 25.55 -6.59 -16.03
N GLY I 46 24.94 -7.75 -15.79
CA GLY I 46 23.72 -8.09 -16.50
C GLY I 46 22.46 -7.42 -15.96
N ALA I 47 22.51 -6.95 -14.72
CA ALA I 47 21.34 -6.32 -14.11
C ALA I 47 20.73 -5.17 -14.92
N PRO I 48 21.54 -4.14 -15.26
CA PRO I 48 21.01 -3.02 -16.04
C PRO I 48 20.54 -3.42 -17.42
N VAL I 49 21.15 -4.46 -17.99
CA VAL I 49 20.74 -4.93 -19.32
C VAL I 49 19.38 -5.61 -19.23
N TYR I 50 19.25 -6.49 -18.25
CA TYR I 50 17.99 -7.20 -18.05
C TYR I 50 16.88 -6.18 -17.76
N LEU I 51 17.15 -5.25 -16.85
CA LEU I 51 16.17 -4.23 -16.48
C LEU I 51 15.78 -3.35 -17.67
N ALA I 52 16.76 -2.90 -18.44
CA ALA I 52 16.47 -2.06 -19.61
C ALA I 52 15.53 -2.81 -20.55
N ALA I 53 15.78 -4.11 -20.71
CA ALA I 53 14.96 -4.94 -21.60
C ALA I 53 13.52 -5.02 -21.11
N VAL I 54 13.34 -5.16 -19.80
CA VAL I 54 12.00 -5.23 -19.24
C VAL I 54 11.27 -3.91 -19.44
N LEU I 55 11.96 -2.79 -19.23
CA LEU I 55 11.37 -1.48 -19.40
C LEU I 55 10.95 -1.26 -20.86
N GLU I 56 11.82 -1.69 -21.77
CA GLU I 56 11.54 -1.53 -23.20
C GLU I 56 10.33 -2.37 -23.58
N TYR I 57 10.30 -3.62 -23.12
CA TYR I 57 9.19 -4.49 -23.43
C TYR I 57 7.86 -3.94 -22.92
N LEU I 58 7.82 -3.50 -21.67
CA LEU I 58 6.58 -2.97 -21.13
C LEU I 58 6.17 -1.72 -21.91
N THR I 59 7.16 -0.92 -22.30
CA THR I 59 6.90 0.28 -23.07
C THR I 59 6.23 -0.12 -24.39
N ALA I 60 6.80 -1.13 -25.05
CA ALA I 60 6.25 -1.61 -26.31
C ALA I 60 4.82 -2.13 -26.14
N GLU I 61 4.56 -2.85 -25.06
CA GLU I 61 3.22 -3.40 -24.82
C GLU I 61 2.15 -2.31 -24.74
N ILE I 62 2.40 -1.27 -23.95
CA ILE I 62 1.43 -0.18 -23.82
C ILE I 62 1.27 0.65 -25.10
N LEU I 63 2.40 0.97 -25.74
CA LEU I 63 2.32 1.76 -26.98
C LEU I 63 1.57 0.97 -28.05
N GLU I 64 1.77 -0.35 -28.05
CA GLU I 64 1.09 -1.21 -29.02
C GLU I 64 -0.41 -1.07 -28.84
N LEU I 65 -0.87 -1.30 -27.61
CA LEU I 65 -2.30 -1.19 -27.30
C LEU I 65 -2.81 0.24 -27.43
N ALA I 66 -1.97 1.22 -27.08
CA ALA I 66 -2.39 2.62 -27.17
C ALA I 66 -2.53 3.00 -28.63
N GLY I 67 -1.60 2.55 -29.45
CA GLY I 67 -1.67 2.84 -30.87
C GLY I 67 -2.96 2.30 -31.45
N ASN I 68 -3.33 1.07 -31.05
CA ASN I 68 -4.55 0.45 -31.54
C ASN I 68 -5.78 1.25 -31.15
N ALA I 69 -5.78 1.77 -29.92
CA ALA I 69 -6.89 2.56 -29.43
C ALA I 69 -7.02 3.83 -30.26
N ALA I 70 -5.89 4.39 -30.65
CA ALA I 70 -5.87 5.60 -31.46
C ALA I 70 -6.46 5.28 -32.84
N ARG I 71 -6.02 4.17 -33.42
CA ARG I 71 -6.51 3.76 -34.73
C ARG I 71 -8.01 3.53 -34.68
N ASP I 72 -8.48 2.85 -33.65
CA ASP I 72 -9.90 2.57 -33.50
C ASP I 72 -10.73 3.86 -33.42
N ASN I 73 -10.08 4.95 -33.03
CA ASN I 73 -10.77 6.23 -32.93
C ASN I 73 -10.46 7.11 -34.14
N LYS I 74 -9.86 6.51 -35.16
CA LYS I 74 -9.51 7.22 -36.38
C LYS I 74 -8.54 8.37 -36.14
N LYS I 75 -7.48 8.09 -35.37
CA LYS I 75 -6.48 9.11 -35.08
C LYS I 75 -5.08 8.55 -35.25
N THR I 76 -4.15 9.42 -35.61
CA THR I 76 -2.76 9.03 -35.82
C THR I 76 -1.85 9.37 -34.64
N ARG I 77 -2.34 10.24 -33.76
CA ARG I 77 -1.54 10.65 -32.62
C ARG I 77 -2.10 10.12 -31.29
N ILE I 78 -1.27 9.38 -30.58
CA ILE I 78 -1.64 8.83 -29.28
C ILE I 78 -1.72 9.95 -28.23
N ILE I 79 -2.85 10.04 -27.53
CA ILE I 79 -3.01 11.05 -26.47
C ILE I 79 -3.28 10.32 -25.13
N PRO I 80 -3.31 11.06 -24.01
CA PRO I 80 -3.55 10.41 -22.70
C PRO I 80 -4.76 9.45 -22.73
N ARG I 81 -5.85 9.92 -23.33
CA ARG I 81 -7.08 9.16 -23.45
C ARG I 81 -6.79 7.76 -23.99
N HIS I 82 -5.95 7.67 -25.01
CA HIS I 82 -5.62 6.38 -25.61
C HIS I 82 -4.82 5.48 -24.69
N LEU I 83 -3.95 6.07 -23.88
CA LEU I 83 -3.15 5.27 -22.95
C LEU I 83 -4.10 4.69 -21.91
N GLN I 84 -5.07 5.49 -21.47
CA GLN I 84 -6.03 5.04 -20.46
C GLN I 84 -6.90 3.89 -21.01
N LEU I 85 -7.43 4.07 -22.22
CA LEU I 85 -8.26 3.03 -22.83
C LEU I 85 -7.48 1.73 -22.97
N ALA I 86 -6.22 1.84 -23.36
CA ALA I 86 -5.39 0.66 -23.55
C ALA I 86 -5.15 -0.06 -22.22
N VAL I 87 -4.79 0.71 -21.21
CA VAL I 87 -4.50 0.14 -19.89
C VAL I 87 -5.74 -0.46 -19.24
N ARG I 88 -6.79 0.34 -19.13
CA ARG I 88 -8.00 -0.13 -18.46
C ARG I 88 -8.71 -1.32 -19.16
N ASN I 89 -8.55 -1.43 -20.48
CA ASN I 89 -9.17 -2.52 -21.24
C ASN I 89 -8.29 -3.77 -21.22
N ASP I 90 -7.10 -3.67 -20.63
CA ASP I 90 -6.21 -4.82 -20.57
C ASP I 90 -6.12 -5.30 -19.11
N GLU I 91 -6.59 -6.51 -18.87
CA GLU I 91 -6.59 -7.08 -17.53
C GLU I 91 -5.27 -6.98 -16.78
N GLU I 92 -4.18 -7.38 -17.43
CA GLU I 92 -2.87 -7.34 -16.77
C GLU I 92 -2.29 -5.95 -16.54
N LEU I 93 -2.37 -5.07 -17.53
CA LEU I 93 -1.87 -3.72 -17.37
C LEU I 93 -2.72 -2.98 -16.36
N ASN I 94 -4.03 -3.23 -16.39
CA ASN I 94 -4.95 -2.59 -15.46
C ASN I 94 -4.54 -2.94 -14.04
N LYS I 95 -4.16 -4.21 -13.84
CA LYS I 95 -3.72 -4.68 -12.54
C LYS I 95 -2.40 -4.02 -12.16
N LEU I 96 -1.44 -4.03 -13.08
CA LEU I 96 -0.13 -3.41 -12.83
C LEU I 96 -0.28 -1.95 -12.40
N LEU I 97 -1.17 -1.24 -13.07
CA LEU I 97 -1.42 0.17 -12.80
C LEU I 97 -2.72 0.38 -12.02
N GLY I 98 -3.06 -0.58 -11.17
CA GLY I 98 -4.28 -0.49 -10.39
C GLY I 98 -4.33 0.71 -9.47
N ARG I 99 -3.18 1.25 -9.08
CA ARG I 99 -3.19 2.40 -8.19
C ARG I 99 -2.56 3.64 -8.81
N VAL I 100 -2.71 3.78 -10.11
CA VAL I 100 -2.16 4.91 -10.85
C VAL I 100 -3.23 5.70 -11.58
N THR I 101 -3.09 7.02 -11.57
CA THR I 101 -4.02 7.90 -12.26
C THR I 101 -3.33 8.46 -13.49
N ILE I 102 -3.94 8.26 -14.65
CA ILE I 102 -3.40 8.78 -15.89
C ILE I 102 -4.10 10.10 -16.13
N ALA I 103 -3.37 11.21 -15.97
CA ALA I 103 -3.93 12.54 -16.16
C ALA I 103 -4.63 12.64 -17.52
N GLN I 104 -5.76 13.34 -17.54
CA GLN I 104 -6.54 13.51 -18.76
C GLN I 104 -6.89 12.18 -19.45
N GLY I 105 -7.06 11.13 -18.66
CA GLY I 105 -7.40 9.84 -19.24
C GLY I 105 -8.90 9.54 -19.27
N GLY I 106 -9.66 10.17 -18.37
CA GLY I 106 -11.09 9.90 -18.30
C GLY I 106 -11.33 8.49 -17.79
N VAL I 107 -12.52 7.95 -18.04
CA VAL I 107 -12.86 6.59 -17.59
C VAL I 107 -13.48 5.80 -18.74
N LEU I 108 -13.69 4.51 -18.54
CA LEU I 108 -14.30 3.69 -19.58
C LEU I 108 -15.82 3.86 -19.57
N PRO I 109 -16.45 3.89 -20.75
CA PRO I 109 -17.91 4.03 -20.79
C PRO I 109 -18.48 2.85 -20.04
N ASN I 110 -19.32 3.11 -19.04
CA ASN I 110 -19.90 2.01 -18.27
C ASN I 110 -21.07 2.47 -17.41
N ILE I 111 -22.25 1.91 -17.69
CA ILE I 111 -23.46 2.25 -16.95
C ILE I 111 -24.10 0.99 -16.37
N GLN I 112 -24.30 0.98 -15.05
CA GLN I 112 -24.91 -0.17 -14.39
C GLN I 112 -26.26 -0.45 -15.06
N SER I 113 -26.46 -1.69 -15.50
CA SER I 113 -27.67 -2.10 -16.19
C SER I 113 -29.00 -1.68 -15.56
N VAL I 114 -29.07 -1.71 -14.24
CA VAL I 114 -30.29 -1.34 -13.54
C VAL I 114 -30.67 0.13 -13.74
N LEU I 115 -29.73 0.92 -14.25
CA LEU I 115 -29.96 2.34 -14.48
C LEU I 115 -30.54 2.63 -15.88
N LEU I 116 -30.50 1.62 -16.75
CA LEU I 116 -30.99 1.77 -18.11
C LEU I 116 -32.51 1.90 -18.22
N PRO I 117 -33.00 2.47 -19.34
CA PRO I 117 -34.45 2.64 -19.54
C PRO I 117 -35.18 1.31 -19.45
N LYS I 118 -36.44 1.37 -19.04
CA LYS I 118 -37.26 0.17 -18.88
C LYS I 118 -37.56 -0.56 -20.19
N LYS I 119 -37.15 -1.81 -20.26
CA LYS I 119 -37.35 -2.66 -21.44
C LYS I 119 -38.81 -2.60 -21.90
N LYS J 25 22.28 33.60 -20.14
CA LYS J 25 23.67 33.11 -20.38
C LYS J 25 24.10 32.17 -19.27
N ARG J 26 23.13 31.50 -18.67
CA ARG J 26 23.39 30.56 -17.58
C ARG J 26 23.66 29.15 -18.09
N ARG J 27 22.61 28.33 -18.21
CA ARG J 27 22.78 26.97 -18.70
C ARG J 27 21.50 26.14 -18.74
N LYS J 28 20.74 26.17 -17.66
CA LYS J 28 19.52 25.36 -17.57
C LYS J 28 19.97 23.90 -17.50
N THR J 29 20.19 23.43 -16.28
CA THR J 29 20.65 22.06 -16.04
C THR J 29 19.83 21.02 -16.79
N ARG J 30 20.54 20.10 -17.45
CA ARG J 30 19.91 19.04 -18.21
C ARG J 30 18.94 18.22 -17.37
N LYS J 31 17.74 18.02 -17.91
CA LYS J 31 16.72 17.23 -17.24
C LYS J 31 16.49 16.00 -18.12
N GLU J 32 17.12 14.88 -17.76
CA GLU J 32 16.99 13.65 -18.53
C GLU J 32 15.58 13.08 -18.52
N SER J 33 15.30 12.23 -19.49
CA SER J 33 13.99 11.60 -19.62
C SER J 33 14.10 10.50 -20.65
N TYR J 34 13.14 9.58 -20.65
CA TYR J 34 13.14 8.46 -21.57
C TYR J 34 12.43 8.78 -22.90
N ALA J 35 12.01 10.03 -23.06
CA ALA J 35 11.29 10.45 -24.26
C ALA J 35 11.84 9.94 -25.60
N ILE J 36 13.12 10.15 -25.87
CA ILE J 36 13.69 9.71 -27.15
C ILE J 36 13.66 8.21 -27.35
N TYR J 37 13.90 7.47 -26.27
CA TYR J 37 13.90 6.00 -26.34
C TYR J 37 12.49 5.45 -26.49
N VAL J 38 11.53 6.14 -25.89
CA VAL J 38 10.13 5.71 -25.98
C VAL J 38 9.69 5.90 -27.43
N TYR J 39 10.10 7.03 -28.02
CA TYR J 39 9.75 7.34 -29.40
C TYR J 39 10.27 6.29 -30.37
N LYS J 40 11.49 5.81 -30.15
CA LYS J 40 12.07 4.79 -31.01
C LYS J 40 11.21 3.53 -30.97
N VAL J 41 10.83 3.13 -29.75
CA VAL J 41 10.00 1.95 -29.55
C VAL J 41 8.67 2.14 -30.26
N LEU J 42 8.13 3.35 -30.17
CA LEU J 42 6.86 3.65 -30.82
C LEU J 42 6.94 3.37 -32.33
N LYS J 43 7.98 3.89 -32.97
CA LYS J 43 8.16 3.69 -34.40
C LYS J 43 8.32 2.24 -34.83
N GLN J 44 8.82 1.40 -33.92
CA GLN J 44 8.99 -0.01 -34.20
C GLN J 44 7.65 -0.74 -34.11
N VAL J 45 6.79 -0.27 -33.21
CA VAL J 45 5.48 -0.88 -33.02
C VAL J 45 4.41 -0.33 -33.96
N HIS J 46 4.42 0.99 -34.15
CA HIS J 46 3.48 1.66 -35.03
C HIS J 46 4.24 2.75 -35.78
N PRO J 47 4.94 2.38 -36.86
CA PRO J 47 5.73 3.31 -37.67
C PRO J 47 5.02 4.61 -38.04
N ASP J 48 3.72 4.54 -38.32
CA ASP J 48 3.00 5.74 -38.72
C ASP J 48 2.14 6.39 -37.64
N THR J 49 2.49 6.16 -36.37
CA THR J 49 1.71 6.73 -35.27
C THR J 49 2.51 7.75 -34.47
N GLY J 50 1.88 8.87 -34.15
CA GLY J 50 2.57 9.89 -33.37
C GLY J 50 2.17 9.80 -31.90
N ILE J 51 2.63 10.75 -31.11
CA ILE J 51 2.32 10.80 -29.68
C ILE J 51 2.38 12.23 -29.17
N SER J 52 1.33 12.69 -28.50
CA SER J 52 1.32 14.06 -27.99
C SER J 52 2.32 14.25 -26.86
N SER J 53 2.62 15.50 -26.55
CA SER J 53 3.55 15.83 -25.50
C SER J 53 3.08 15.32 -24.14
N LYS J 54 1.79 15.50 -23.85
CA LYS J 54 1.23 15.05 -22.58
C LYS J 54 1.30 13.53 -22.48
N ALA J 55 0.98 12.85 -23.59
CA ALA J 55 1.02 11.39 -23.62
C ALA J 55 2.44 10.94 -23.35
N MET J 56 3.41 11.59 -23.96
CA MET J 56 4.80 11.22 -23.75
C MET J 56 5.22 11.42 -22.28
N SER J 57 4.71 12.46 -21.65
CA SER J 57 5.05 12.72 -20.25
C SER J 57 4.49 11.57 -19.42
N ILE J 58 3.31 11.08 -19.82
CA ILE J 58 2.68 9.97 -19.13
C ILE J 58 3.56 8.73 -19.25
N MET J 59 4.13 8.50 -20.43
CA MET J 59 5.01 7.35 -20.66
C MET J 59 6.30 7.49 -19.87
N ASN J 60 6.81 8.71 -19.76
CA ASN J 60 8.03 8.90 -18.98
C ASN J 60 7.74 8.52 -17.51
N SER J 61 6.58 8.94 -16.99
CA SER J 61 6.17 8.62 -15.62
C SER J 61 6.07 7.11 -15.45
N PHE J 62 5.47 6.45 -16.45
CA PHE J 62 5.32 5.00 -16.41
C PHE J 62 6.67 4.30 -16.32
N VAL J 63 7.60 4.66 -17.19
CA VAL J 63 8.93 4.03 -17.18
C VAL J 63 9.62 4.26 -15.84
N ASN J 64 9.56 5.49 -15.33
CA ASN J 64 10.20 5.80 -14.04
C ASN J 64 9.54 5.01 -12.91
N ASP J 65 8.21 4.87 -12.97
CA ASP J 65 7.47 4.15 -11.95
C ASP J 65 7.87 2.68 -11.91
N VAL J 66 7.86 2.02 -13.06
CA VAL J 66 8.22 0.60 -13.13
C VAL J 66 9.68 0.39 -12.74
N PHE J 67 10.55 1.32 -13.11
CA PHE J 67 11.96 1.21 -12.74
C PHE J 67 12.05 1.19 -11.22
N GLU J 68 11.43 2.16 -10.57
CA GLU J 68 11.48 2.23 -9.10
C GLU J 68 10.91 0.99 -8.42
N ARG J 69 9.78 0.50 -8.91
CA ARG J 69 9.19 -0.68 -8.29
C ARG J 69 10.08 -1.90 -8.45
N ILE J 70 10.59 -2.12 -9.67
CA ILE J 70 11.45 -3.28 -9.90
C ILE J 70 12.75 -3.17 -9.11
N ALA J 71 13.42 -2.02 -9.20
CA ALA J 71 14.67 -1.83 -8.49
C ALA J 71 14.49 -1.94 -6.98
N GLY J 72 13.38 -1.38 -6.49
CA GLY J 72 13.11 -1.44 -5.06
C GLY J 72 12.92 -2.88 -4.60
N GLU J 73 12.12 -3.66 -5.33
CA GLU J 73 11.90 -5.04 -4.95
C GLU J 73 13.21 -5.82 -5.02
N ALA J 74 14.01 -5.55 -6.07
CA ALA J 74 15.28 -6.24 -6.23
C ALA J 74 16.19 -5.89 -5.06
N SER J 75 16.10 -4.64 -4.61
CA SER J 75 16.92 -4.17 -3.49
C SER J 75 16.59 -4.95 -2.23
N ARG J 76 15.30 -5.03 -1.90
CA ARG J 76 14.84 -5.77 -0.73
C ARG J 76 15.29 -7.23 -0.83
N LEU J 77 15.15 -7.83 -2.02
CA LEU J 77 15.58 -9.21 -2.22
C LEU J 77 17.03 -9.39 -1.84
N ALA J 78 17.90 -8.52 -2.36
CA ALA J 78 19.32 -8.61 -2.04
C ALA J 78 19.51 -8.51 -0.53
N HIS J 79 18.88 -7.51 0.10
N HIS J 79 18.89 -7.51 0.11
CA HIS J 79 18.99 -7.31 1.55
CA HIS J 79 19.04 -7.35 1.56
C HIS J 79 18.51 -8.50 2.37
C HIS J 79 18.53 -8.54 2.37
N TYR J 80 17.34 -9.03 2.03
CA TYR J 80 16.77 -10.17 2.74
C TYR J 80 17.77 -11.32 2.76
N ASN J 81 18.43 -11.55 1.63
CA ASN J 81 19.41 -12.62 1.51
C ASN J 81 20.83 -12.18 1.84
N LYS J 82 20.96 -11.06 2.55
CA LYS J 82 22.27 -10.54 2.94
C LYS J 82 23.28 -10.47 1.80
N ARG J 83 22.85 -9.90 0.67
CA ARG J 83 23.74 -9.75 -0.47
C ARG J 83 23.99 -8.26 -0.72
N SER J 84 25.21 -7.93 -1.11
CA SER J 84 25.60 -6.55 -1.37
C SER J 84 25.40 -6.19 -2.84
N THR J 85 25.14 -7.20 -3.66
CA THR J 85 24.99 -6.99 -5.09
C THR J 85 23.63 -7.33 -5.70
N ILE J 86 23.16 -6.42 -6.56
CA ILE J 86 21.91 -6.61 -7.29
C ILE J 86 22.32 -7.14 -8.67
N THR J 87 22.02 -8.41 -8.93
CA THR J 87 22.35 -9.05 -10.21
C THR J 87 21.10 -9.27 -11.05
N SER J 88 21.30 -9.81 -12.24
N SER J 88 21.30 -9.79 -12.25
CA SER J 88 20.20 -10.08 -13.16
CA SER J 88 20.18 -10.07 -13.15
C SER J 88 19.18 -10.98 -12.48
C SER J 88 19.16 -10.96 -12.44
N ARG J 89 19.66 -11.82 -11.57
CA ARG J 89 18.82 -12.73 -10.83
C ARG J 89 17.80 -12.00 -9.92
N GLU J 90 18.23 -10.92 -9.28
CA GLU J 90 17.32 -10.15 -8.41
C GLU J 90 16.29 -9.42 -9.27
N ILE J 91 16.74 -8.94 -10.43
CA ILE J 91 15.85 -8.23 -11.33
C ILE J 91 14.76 -9.19 -11.79
N GLN J 92 15.17 -10.44 -12.07
CA GLN J 92 14.23 -11.47 -12.53
C GLN J 92 13.17 -11.83 -11.49
N THR J 93 13.61 -12.15 -10.29
CA THR J 93 12.68 -12.50 -9.24
C THR J 93 11.76 -11.30 -8.98
N ALA J 94 12.34 -10.09 -8.98
CA ALA J 94 11.55 -8.87 -8.78
C ALA J 94 10.45 -8.79 -9.82
N VAL J 95 10.80 -9.11 -11.06
CA VAL J 95 9.83 -9.05 -12.15
C VAL J 95 8.68 -10.03 -11.91
N ARG J 96 9.02 -11.24 -11.45
CA ARG J 96 8.02 -12.25 -11.18
C ARG J 96 7.14 -11.85 -10.00
N LEU J 97 7.71 -11.10 -9.07
CA LEU J 97 6.94 -10.67 -7.91
C LEU J 97 5.99 -9.52 -8.28
N LEU J 98 6.45 -8.62 -9.14
CA LEU J 98 5.69 -7.44 -9.53
C LEU J 98 4.69 -7.52 -10.67
N LEU J 99 5.07 -8.13 -11.79
CA LEU J 99 4.19 -8.18 -12.93
C LEU J 99 3.19 -9.34 -12.93
N PRO J 100 1.99 -9.10 -13.49
CA PRO J 100 0.95 -10.13 -13.56
C PRO J 100 1.36 -11.22 -14.55
N GLY J 101 0.90 -12.44 -14.29
CA GLY J 101 1.20 -13.61 -15.12
C GLY J 101 1.86 -13.46 -16.47
N GLU J 102 1.04 -13.41 -17.53
CA GLU J 102 1.56 -13.30 -18.89
C GLU J 102 2.61 -12.20 -19.06
N LEU J 103 2.35 -11.03 -18.48
CA LEU J 103 3.28 -9.92 -18.57
C LEU J 103 4.65 -10.33 -18.01
N ALA J 104 4.63 -11.05 -16.89
CA ALA J 104 5.88 -11.51 -16.27
C ALA J 104 6.62 -12.49 -17.18
N LYS J 105 5.87 -13.41 -17.78
CA LYS J 105 6.44 -14.42 -18.66
C LYS J 105 7.24 -13.78 -19.80
N HIS J 106 6.65 -12.79 -20.45
CA HIS J 106 7.32 -12.12 -21.57
C HIS J 106 8.46 -11.22 -21.13
N ALA J 107 8.28 -10.52 -20.01
CA ALA J 107 9.33 -9.64 -19.50
C ALA J 107 10.57 -10.46 -19.19
N VAL J 108 10.36 -11.64 -18.60
CA VAL J 108 11.46 -12.52 -18.24
C VAL J 108 12.16 -12.99 -19.51
N SER J 109 11.39 -13.40 -20.51
CA SER J 109 11.99 -13.88 -21.76
C SER J 109 12.79 -12.76 -22.42
N GLU J 110 12.22 -11.55 -22.45
CA GLU J 110 12.92 -10.42 -23.05
C GLU J 110 14.19 -10.11 -22.28
N GLY J 111 14.10 -10.13 -20.95
CA GLY J 111 15.25 -9.86 -20.14
C GLY J 111 16.36 -10.88 -20.36
N THR J 112 15.99 -12.16 -20.38
CA THR J 112 16.97 -13.22 -20.58
C THR J 112 17.63 -13.11 -21.95
N LYS J 113 16.82 -12.83 -22.96
CA LYS J 113 17.32 -12.70 -24.32
C LYS J 113 18.34 -11.56 -24.43
N ALA J 114 18.03 -10.43 -23.82
CA ALA J 114 18.93 -9.28 -23.87
C ALA J 114 20.27 -9.56 -23.18
N VAL J 115 20.23 -10.27 -22.05
CA VAL J 115 21.46 -10.58 -21.34
C VAL J 115 22.29 -11.60 -22.12
N THR J 116 21.61 -12.56 -22.76
CA THR J 116 22.33 -13.56 -23.55
C THR J 116 23.09 -12.85 -24.66
N LYS J 117 22.37 -12.14 -25.51
CA LYS J 117 23.00 -11.41 -26.61
C LYS J 117 24.15 -10.55 -26.13
N TYR J 118 23.96 -9.90 -24.99
CA TYR J 118 24.99 -9.05 -24.41
C TYR J 118 26.21 -9.88 -24.02
N THR J 119 25.98 -10.96 -23.27
CA THR J 119 27.06 -11.84 -22.85
C THR J 119 27.68 -12.46 -24.08
N SER J 120 26.82 -13.05 -24.91
CA SER J 120 27.24 -13.69 -26.16
C SER J 120 27.50 -12.63 -27.23
N ALA J 121 28.61 -11.94 -27.06
CA ALA J 121 29.06 -10.87 -27.95
C ALA J 121 30.26 -10.30 -27.23
N LYS J 122 30.58 -9.03 -27.47
CA LYS J 122 31.72 -8.44 -26.78
C LYS J 122 31.44 -7.08 -26.18
MN MN K . -40.17 2.08 -5.45
MN MN L . -14.83 16.69 -34.40
MN MN M . 22.80 -33.41 3.75
MN MN N . 31.93 20.37 -4.21
MN MN O . 22.32 14.55 -30.96
MN MN P . -19.73 -37.84 13.15
MN MN Q . -28.28 20.48 -39.11
CA IMT R . 38.74 6.24 21.61
NB1 IMT R . 39.75 6.48 20.69
CB IMT R . 39.29 6.28 22.88
CG1 IMT R . 40.92 6.64 21.37
NG2 IMT R . 40.68 6.54 22.76
CD IMT R . 41.58 6.67 23.91
C IMT R . 42.22 6.84 20.83
O IMT R . 43.15 6.94 21.63
N PYB S . 42.41 6.93 19.52
CA PYB S . 43.70 7.06 19.04
CB1 PYB S . 44.04 7.17 17.69
CB PYB S . 44.88 7.07 19.81
CG1 PYB S . 45.44 7.21 17.65
NG2 PYB S . 45.98 7.14 18.93
CD PYB S . 47.38 7.12 19.40
C PYB S . 46.19 7.31 16.48
O PYB S . 47.43 7.33 16.56
N IMT T . 45.52 7.38 15.35
CA IMT T . 46.17 7.48 14.14
NB1 IMT T . 45.54 7.55 12.95
CB IMT T . 47.55 7.51 13.94
CG1 IMT T . 46.47 7.66 12.00
NG2 IMT T . 47.76 7.63 12.56
CD IMT T . 49.11 7.63 11.95
C IMT T . 46.26 7.78 10.63
O IMT T . 47.30 7.86 9.96
N PYB U . 45.06 7.80 10.09
CA PYB U . 45.03 7.93 8.72
CB1 PYB U . 43.93 7.92 7.85
CB PYB U . 46.17 8.05 7.97
CG1 PYB U . 44.50 7.99 6.56
NG2 PYB U . 45.88 8.09 6.65
CD PYB U . 46.91 8.19 5.62
C PYB U . 43.89 7.89 5.30
O PYB U . 44.60 7.92 4.31
N ABU V . 42.59 7.74 5.23
CD ABU V . 41.99 7.62 3.90
CB ABU V . 40.63 7.15 4.00
CG ABU V . 40.85 5.90 5.07
C ABU V . 42.35 5.34 5.47
OXT ABU V . 43.29 5.55 4.74
N PYB W . 42.61 4.88 6.71
CA PYB W . 43.83 4.38 7.19
CB1 PYB W . 44.10 4.07 8.55
CB PYB W . 45.13 4.19 6.53
CG1 PYB W . 45.48 3.81 8.75
NG2 PYB W . 46.15 3.80 7.52
CD PYB W . 47.54 3.39 7.16
C PYB W . 46.15 3.64 9.99
O PYB W . 47.36 3.46 9.96
N PYB X . 45.44 3.70 11.11
CA PYB X . 46.12 3.65 12.30
CB1 PYB X . 45.53 3.69 13.56
CB PYB X . 47.51 3.62 12.45
CG1 PYB X . 46.59 3.69 14.48
NG2 PYB X . 47.82 3.66 13.82
CD PYB X . 49.21 3.68 14.32
C PYB X . 46.48 3.68 15.85
O PYB X . 47.52 3.66 16.51
N PYB Y . 45.29 3.64 16.39
CA PYB Y . 45.18 3.66 17.75
CB1 PYB Y . 43.99 3.58 18.45
CB PYB Y . 46.24 3.76 18.66
CG1 PYB Y . 44.33 3.60 19.79
NG2 PYB Y . 45.72 3.73 19.95
CD PYB Y . 46.57 3.82 21.16
C PYB Y . 43.47 3.47 20.85
O PYB Y . 43.96 3.50 21.98
N PYB Z . 42.18 3.30 20.62
CA PYB Z . 41.35 3.21 21.69
CB1 PYB Z . 39.97 2.99 21.63
CB PYB Z . 41.73 3.34 23.02
CG1 PYB Z . 39.53 2.98 22.95
NG2 PYB Z . 40.61 3.21 23.84
CD PYB Z . 40.66 3.32 25.31
C PYB Z . 38.23 2.74 23.37
O PYB Z . 38.00 2.74 24.58
N BAL AA . 37.31 2.49 22.47
CB BAL AA . 35.96 2.26 22.90
CA BAL AA . 35.12 1.67 21.85
C BAL AA . 33.77 1.45 22.41
O BAL AA . 33.56 1.84 23.56
N DIB BA . 32.88 0.77 21.72
CA DIB BA . 31.56 0.55 22.27
CB DIB BA . 30.83 -0.44 21.45
CG DIB BA . 31.56 -1.78 21.61
ND DIB BA . 31.10 -2.53 22.82
CE1 DIB BA . 31.19 -1.71 24.05
CE2 DIB BA . 29.77 -3.08 22.60
CA IMT CA . 37.98 2.78 -24.66
NB1 IMT CA . 39.03 2.76 -23.76
CB IMT CA . 38.51 3.01 -25.92
CG1 IMT CA . 40.20 2.98 -24.43
NG2 IMT CA . 39.91 3.14 -25.81
CD IMT CA . 40.81 3.36 -26.96
C IMT CA . 41.51 3.07 -23.90
O IMT CA . 42.42 3.28 -24.69
N PYB DA . 41.74 2.92 -22.59
CA PYB DA . 43.00 3.06 -22.10
CB1 PYB DA . 43.36 2.94 -20.75
CB PYB DA . 44.15 3.38 -22.82
CG1 PYB DA . 44.73 3.20 -20.66
NG2 PYB DA . 45.24 3.49 -21.94
CD PYB DA . 46.61 3.86 -22.39
C PYB DA . 45.47 3.22 -19.47
O PYB DA . 46.68 3.49 -19.54
N IMT EA . 44.84 2.94 -18.35
CA IMT EA . 45.48 2.94 -17.14
NB1 IMT EA . 44.87 2.66 -15.96
CB IMT EA . 46.83 3.21 -16.89
CG1 IMT EA . 45.78 2.74 -14.97
NG2 IMT EA . 47.04 3.12 -15.51
CD IMT EA . 48.34 3.38 -14.86
C IMT EA . 45.56 2.58 -13.59
O IMT EA . 46.55 2.72 -12.88
N PYB FA . 44.36 2.25 -13.10
CA PYB FA . 44.27 2.09 -11.75
CB1 PYB FA . 43.12 1.81 -10.99
CB PYB FA . 45.33 2.23 -10.87
CG1 PYB FA . 43.55 1.80 -9.65
NG2 PYB FA . 44.90 2.06 -9.57
CD PYB FA . 45.81 2.19 -8.42
C PYB FA . 42.80 1.62 -8.48
O PYB FA . 43.38 1.71 -7.39
N ABU GA . 41.50 1.43 -8.55
CD ABU GA . 40.79 1.22 -7.30
CB ABU GA . 39.42 1.65 -7.53
CG ABU GA . 39.64 2.88 -8.31
C ABU GA . 40.93 3.83 -8.41
OXT ABU GA . 41.86 3.89 -7.53
N PYB HA . 41.08 4.38 -9.59
CA PYB HA . 42.11 5.19 -9.98
CB1 PYB HA . 42.31 5.60 -11.32
CB PYB HA . 43.21 5.66 -9.22
CG1 PYB HA . 43.61 6.15 -11.40
NG2 PYB HA . 44.18 6.27 -10.11
CD PYB HA . 45.42 6.96 -9.66
C PYB HA . 44.30 6.46 -12.60
O PYB HA . 45.45 6.88 -12.53
N PYB IA . 43.67 6.28 -13.76
CA PYB IA . 44.35 6.44 -14.94
CB1 PYB IA . 43.81 6.31 -16.22
CB PYB IA . 45.71 6.73 -15.06
CG1 PYB IA . 44.86 6.53 -17.11
NG2 PYB IA . 46.05 6.76 -16.41
CD PYB IA . 47.44 7.00 -16.89
C PYB IA . 44.79 6.58 -18.50
O PYB IA . 45.82 6.83 -19.11
N PYB JA . 43.62 6.42 -19.09
CA PYB JA . 43.55 6.45 -20.45
CB1 PYB JA . 42.38 6.36 -21.19
CB PYB JA . 44.64 6.62 -21.33
CG1 PYB JA . 42.76 6.48 -22.53
NG2 PYB JA . 44.15 6.63 -22.64
CD PYB JA . 45.03 6.79 -23.82
C PYB JA . 41.91 6.49 -23.62
O PYB JA . 42.42 6.63 -24.72
N PYB KA . 40.59 6.40 -23.43
CA PYB KA . 39.78 6.36 -24.52
CB1 PYB KA . 38.39 6.32 -24.49
CB PYB KA . 40.19 6.37 -25.84
CG1 PYB KA . 37.96 6.29 -25.82
NG2 PYB KA . 39.09 6.30 -26.68
CD PYB KA . 39.20 6.25 -28.15
C PYB KA . 36.64 6.29 -26.29
O PYB KA . 36.46 6.27 -27.51
N BAL LA . 35.66 6.33 -25.42
CB BAL LA . 34.29 6.31 -25.90
CA BAL LA . 33.34 6.74 -24.85
C BAL LA . 31.91 6.43 -25.21
O BAL LA . 31.69 5.80 -26.24
N DIB MA . 30.98 6.97 -24.46
CA DIB MA . 29.56 6.76 -24.69
CB DIB MA . 28.80 7.69 -23.79
CG DIB MA . 29.32 9.12 -24.02
ND DIB MA . 28.68 9.86 -25.18
CE1 DIB MA . 29.01 9.23 -26.46
CE2 DIB MA . 27.24 9.99 -24.96
MN MN NA . 15.10 38.49 -5.98
MN MN OA . -9.03 -18.11 34.89
MN MN PA . 26.66 -7.96 29.41
MN MN QA . -38.66 -8.47 8.01
MN MN RA . -37.06 19.85 -4.07
MN MN SA . 35.45 -11.75 1.77
NB OGG TA . 40.76 5.00 3.88
CC OGG TA . 40.01 5.02 2.72
OL OGG TA . 39.78 4.01 2.26
CD OGG TA . 39.25 6.21 1.93
OE OGG TA . 38.53 5.45 0.48
CF OGG TA . 39.36 5.45 -0.90
CG OGG TA . 39.66 3.95 -1.53
OH OGG TA . 38.97 3.53 -2.97
CI OGG TA . 40.00 3.56 -4.34
CJ OGG TA . 39.46 2.79 -5.55
OM OGG TA . 39.12 1.56 -5.34
NK OGG TA . 39.54 3.43 -6.83
CL CL UA . -28.00 9.26 4.13
CL CL VA . 22.98 15.21 10.86
MN MN WA . -2.19 -30.85 -6.20
CL CL XA . -26.12 -13.36 -2.54
CL CL YA . 24.48 -9.46 -13.04
#